data_8EWU
#
_entry.id   8EWU
#
_cell.length_a   51.761
_cell.length_b   56.625
_cell.length_c   67.380
_cell.angle_alpha   87.960
_cell.angle_beta   81.960
_cell.angle_gamma   70.120
#
_symmetry.space_group_name_H-M   'P 1'
#
loop_
_entity.id
_entity.type
_entity.pdbx_description
1 polymer 'GDP-L-fucose synthase'
2 non-polymer "GUANOSINE-5'-DIPHOSPHATE"
3 non-polymer 'NADPH DIHYDRO-NICOTINAMIDE-ADENINE-DINUCLEOTIDE PHOSPHATE'
4 non-polymer 1,2-ETHANEDIOL
5 water water
#
_entity_poly.entity_id   1
_entity_poly.type   'polypeptide(L)'
_entity_poly.pdbx_seq_one_letter_code
;MGSSHHHHHHSSENLYQFGHMMNKDSKIYIAGHTGLVGSSILKKLQNDGYENLIFRTHSELDLTNQQAVTDFFKKEKPEY
VFFCAAKMGGMMEQLERRADFLYLNLIMQTFVLHEAYKNDCKKLLYLSSLCIYPQDASLPIKETSMLEGKLQFINEPYAV
AKITGNKMCEFYNQQFGTNFITLVPTSIYGPGDNFNLATAHVFPAIFAKIYLGKLLNEQKHQELFNSLRLDNIQDVLKYL
SQFDIDENKVTLLGSGNPRREFIYVDDVADACIFTMDKIDASMLKKYDENFHNTHLNLADGKDYSIKEVAFLIKDIIGYK
GDIIFDSSKLDGTMLKTTNTERIRKLGWKAKIKLEDGIKMMYEWYLKEQNIRQ
;
_entity_poly.pdbx_strand_id   A,B
#
# COMPACT_ATOMS: atom_id res chain seq x y z
N MET A 21 18.89 2.60 -25.49
CA MET A 21 17.87 3.71 -25.52
C MET A 21 18.35 4.87 -24.64
N MET A 22 18.88 4.66 -23.43
CA MET A 22 19.48 5.78 -22.65
C MET A 22 20.69 6.30 -23.43
N ASN A 23 20.62 7.52 -23.90
CA ASN A 23 21.76 8.16 -24.59
C ASN A 23 22.81 8.58 -23.57
N LYS A 24 24.05 8.71 -24.04
CA LYS A 24 25.22 9.15 -23.24
C LYS A 24 24.89 10.48 -22.55
N ASP A 25 24.08 11.32 -23.20
CA ASP A 25 23.78 12.68 -22.68
C ASP A 25 22.38 12.79 -22.05
N SER A 26 21.67 11.68 -21.88
CA SER A 26 20.32 11.60 -21.23
C SER A 26 20.49 12.01 -19.78
N LYS A 27 19.56 12.82 -19.27
CA LYS A 27 19.57 13.18 -17.84
C LYS A 27 19.05 11.99 -17.03
N ILE A 28 19.94 11.38 -16.27
CA ILE A 28 19.67 10.13 -15.51
C ILE A 28 19.79 10.45 -14.05
N TYR A 29 18.69 10.27 -13.32
CA TYR A 29 18.68 10.50 -11.86
C TYR A 29 18.80 9.14 -11.17
N ILE A 30 19.76 8.98 -10.26
CA ILE A 30 19.87 7.81 -9.36
C ILE A 30 19.50 8.26 -7.96
N ALA A 31 18.27 7.92 -7.53
CA ALA A 31 17.83 8.14 -6.15
C ALA A 31 18.48 7.08 -5.26
N GLY A 32 18.89 7.44 -4.06
CA GLY A 32 19.56 6.51 -3.13
C GLY A 32 20.92 6.08 -3.67
N HIS A 33 21.69 7.03 -4.24
CA HIS A 33 22.98 6.74 -4.93
C HIS A 33 24.05 6.33 -3.92
N THR A 34 23.91 6.63 -2.63
CA THR A 34 24.91 6.25 -1.61
C THR A 34 24.72 4.78 -1.18
N GLY A 35 23.59 4.17 -1.53
CA GLY A 35 23.28 2.82 -1.03
C GLY A 35 23.99 1.71 -1.79
N LEU A 36 23.71 0.49 -1.38
CA LEU A 36 24.32 -0.72 -1.99
C LEU A 36 24.09 -0.70 -3.50
N VAL A 37 22.83 -0.71 -3.93
CA VAL A 37 22.48 -0.78 -5.36
C VAL A 37 22.74 0.56 -6.05
N GLY A 38 22.29 1.65 -5.47
CA GLY A 38 22.46 2.96 -6.13
C GLY A 38 23.93 3.26 -6.38
N SER A 39 24.82 2.97 -5.43
CA SER A 39 26.26 3.31 -5.59
C SER A 39 26.82 2.48 -6.77
N SER A 40 26.35 1.23 -6.93
CA SER A 40 26.84 0.33 -8.01
C SER A 40 26.34 0.79 -9.37
N ILE A 41 25.08 1.24 -9.46
CA ILE A 41 24.55 1.80 -10.72
C ILE A 41 25.32 3.10 -11.04
N LEU A 42 25.53 3.99 -10.08
CA LEU A 42 26.16 5.30 -10.35
C LEU A 42 27.59 5.00 -10.84
N LYS A 43 28.32 4.16 -10.09
CA LYS A 43 29.75 3.81 -10.42
C LYS A 43 29.82 3.28 -11.85
N LYS A 44 28.92 2.38 -12.24
CA LYS A 44 28.93 1.77 -13.59
C LYS A 44 28.62 2.81 -14.67
N LEU A 45 27.60 3.65 -14.47
CA LEU A 45 27.29 4.68 -15.49
C LEU A 45 28.45 5.68 -15.57
N GLN A 46 29.07 6.05 -14.47
CA GLN A 46 30.25 6.98 -14.44
C GLN A 46 31.37 6.31 -15.26
N ASN A 47 31.67 5.05 -14.95
CA ASN A 47 32.74 4.28 -15.65
C ASN A 47 32.40 4.22 -17.14
N ASP A 48 31.16 3.96 -17.52
CA ASP A 48 30.73 3.75 -18.94
C ASP A 48 30.61 5.09 -19.69
N GLY A 49 30.89 6.21 -19.01
CA GLY A 49 31.06 7.55 -19.62
C GLY A 49 29.76 8.33 -19.86
N TYR A 50 28.66 8.00 -19.17
CA TYR A 50 27.43 8.84 -19.28
C TYR A 50 27.74 10.23 -18.74
N GLU A 51 27.17 11.26 -19.38
CA GLU A 51 27.63 12.66 -19.26
C GLU A 51 26.74 13.50 -18.34
N ASN A 52 25.55 13.01 -17.99
CA ASN A 52 24.47 13.84 -17.41
C ASN A 52 23.81 13.04 -16.28
N LEU A 53 24.60 12.70 -15.26
CA LEU A 53 24.11 11.91 -14.11
C LEU A 53 23.79 12.88 -12.99
N ILE A 54 22.60 12.76 -12.43
CA ILE A 54 22.24 13.62 -11.27
C ILE A 54 21.89 12.75 -10.07
N PHE A 55 22.25 13.22 -8.89
CA PHE A 55 22.08 12.49 -7.63
C PHE A 55 22.20 13.50 -6.51
N ARG A 56 21.65 13.17 -5.35
CA ARG A 56 21.63 14.02 -4.16
C ARG A 56 21.77 13.10 -2.96
N THR A 57 22.56 13.49 -1.98
CA THR A 57 22.58 12.81 -0.69
C THR A 57 21.23 13.01 0.00
N HIS A 58 20.95 12.17 0.98
CA HIS A 58 19.77 12.32 1.88
C HIS A 58 19.80 13.71 2.50
N SER A 59 20.98 14.21 2.90
CA SER A 59 21.11 15.57 3.47
C SER A 59 20.69 16.62 2.46
N GLU A 60 21.07 16.47 1.19
CA GLU A 60 20.74 17.46 0.15
C GLU A 60 19.27 17.38 -0.27
N LEU A 61 18.71 16.17 -0.32
CA LEU A 61 17.30 16.00 -0.74
C LEU A 61 16.65 14.88 0.07
N ASP A 62 15.78 15.27 1.00
CA ASP A 62 15.06 14.30 1.84
C ASP A 62 13.83 13.84 1.05
N LEU A 63 13.86 12.59 0.56
CA LEU A 63 12.79 12.07 -0.29
C LEU A 63 11.55 11.77 0.54
N THR A 64 11.56 11.99 1.84
CA THR A 64 10.31 11.92 2.70
C THR A 64 9.62 13.29 2.79
N ASN A 65 10.20 14.31 2.18
CA ASN A 65 9.59 15.66 2.13
C ASN A 65 8.94 15.86 0.77
N GLN A 66 7.62 15.90 0.77
CA GLN A 66 6.84 15.98 -0.48
C GLN A 66 7.34 17.16 -1.30
N GLN A 67 7.44 18.35 -0.69
CA GLN A 67 7.69 19.57 -1.50
C GLN A 67 9.14 19.56 -2.04
N ALA A 68 10.07 19.04 -1.29
CA ALA A 68 11.49 18.93 -1.73
C ALA A 68 11.54 18.05 -3.00
N VAL A 69 10.80 16.93 -3.05
CA VAL A 69 10.81 16.04 -4.25
C VAL A 69 10.13 16.76 -5.40
N THR A 70 8.99 17.42 -5.13
CA THR A 70 8.33 18.22 -6.16
C THR A 70 9.33 19.24 -6.74
N ASP A 71 9.99 19.99 -5.89
CA ASP A 71 10.91 21.09 -6.33
C ASP A 71 12.05 20.49 -7.17
N PHE A 72 12.61 19.38 -6.72
CA PHE A 72 13.76 18.72 -7.38
C PHE A 72 13.33 18.28 -8.76
N PHE A 73 12.21 17.56 -8.87
CA PHE A 73 11.73 17.06 -10.18
C PHE A 73 11.38 18.20 -11.13
N LYS A 74 10.76 19.26 -10.61
CA LYS A 74 10.35 20.37 -11.52
C LYS A 74 11.61 21.07 -12.03
N LYS A 75 12.64 21.24 -11.21
CA LYS A 75 13.90 21.91 -11.64
C LYS A 75 14.66 21.02 -12.63
N GLU A 76 14.77 19.72 -12.37
CA GLU A 76 15.74 18.85 -13.10
C GLU A 76 15.07 18.08 -14.23
N LYS A 77 13.81 17.69 -14.11
CA LYS A 77 13.06 16.91 -15.12
C LYS A 77 13.95 15.80 -15.66
N PRO A 78 14.42 14.86 -14.81
CA PRO A 78 15.23 13.75 -15.33
C PRO A 78 14.44 12.94 -16.37
N GLU A 79 15.13 12.44 -17.39
CA GLU A 79 14.56 11.58 -18.43
C GLU A 79 14.47 10.13 -17.93
N TYR A 80 15.38 9.71 -17.09
CA TYR A 80 15.43 8.31 -16.55
C TYR A 80 15.58 8.41 -15.06
N VAL A 81 14.90 7.53 -14.34
CA VAL A 81 14.99 7.53 -12.87
C VAL A 81 15.29 6.10 -12.44
N PHE A 82 16.34 5.87 -11.67
CA PHE A 82 16.57 4.59 -10.95
C PHE A 82 16.22 4.85 -9.50
N PHE A 83 15.15 4.23 -9.03
CA PHE A 83 14.66 4.46 -7.65
C PHE A 83 15.33 3.46 -6.72
N CYS A 84 16.42 3.85 -6.06
CA CYS A 84 17.26 3.01 -5.19
C CYS A 84 17.27 3.52 -3.76
N ALA A 85 16.38 4.45 -3.39
CA ALA A 85 16.25 4.97 -2.02
C ALA A 85 15.31 4.05 -1.23
N ALA A 86 15.62 3.84 0.04
CA ALA A 86 14.87 2.96 0.92
C ALA A 86 15.40 3.11 2.32
N LYS A 87 14.55 2.79 3.27
CA LYS A 87 14.98 2.59 4.66
C LYS A 87 14.63 1.15 4.97
N MET A 88 15.65 0.33 5.12
CA MET A 88 15.45 -1.12 5.39
CA MET A 88 15.26 -1.01 5.62
C MET A 88 16.37 -1.59 6.51
N GLY A 89 16.24 -2.86 6.82
CA GLY A 89 17.06 -3.52 7.81
C GLY A 89 16.67 -4.97 7.87
N GLY A 90 17.47 -5.72 8.61
CA GLY A 90 17.26 -7.16 8.68
C GLY A 90 16.06 -7.49 9.54
N MET A 91 15.87 -8.79 9.69
CA MET A 91 14.72 -9.39 10.37
C MET A 91 14.43 -8.73 11.72
N MET A 92 15.43 -8.60 12.57
CA MET A 92 15.15 -8.09 13.92
C MET A 92 14.73 -6.62 13.85
N GLU A 93 15.33 -5.82 12.99
CA GLU A 93 14.89 -4.41 12.84
CA GLU A 93 14.91 -4.41 12.77
C GLU A 93 13.46 -4.39 12.28
N GLN A 94 13.15 -5.27 11.33
CA GLN A 94 11.78 -5.33 10.76
C GLN A 94 10.76 -5.71 11.84
N LEU A 95 11.11 -6.54 12.81
CA LEU A 95 10.12 -6.94 13.84
C LEU A 95 9.85 -5.76 14.79
N GLU A 96 10.81 -4.86 14.95
CA GLU A 96 10.63 -3.65 15.81
C GLU A 96 9.91 -2.56 14.99
N ARG A 97 10.39 -2.21 13.81
CA ARG A 97 10.05 -0.91 13.18
C ARG A 97 8.90 -1.13 12.20
N ARG A 98 7.81 -1.66 12.71
CA ARG A 98 6.65 -2.00 11.84
C ARG A 98 6.13 -0.74 11.14
N ALA A 99 5.90 0.34 11.88
CA ALA A 99 5.37 1.57 11.27
C ALA A 99 6.43 2.22 10.37
N ASP A 100 7.66 2.35 10.82
CA ASP A 100 8.68 3.12 10.11
C ASP A 100 8.92 2.49 8.74
N PHE A 101 9.00 1.17 8.65
CA PHE A 101 9.41 0.57 7.36
C PHE A 101 8.26 0.59 6.36
N LEU A 102 6.99 0.64 6.81
CA LEU A 102 5.91 0.94 5.83
C LEU A 102 6.03 2.43 5.44
N TYR A 103 5.87 3.28 6.43
CA TYR A 103 5.69 4.74 6.21
C TYR A 103 6.80 5.35 5.37
N LEU A 104 8.04 5.15 5.74
CA LEU A 104 9.16 5.89 5.10
C LEU A 104 9.26 5.49 3.63
N ASN A 105 9.11 4.19 3.36
CA ASN A 105 9.26 3.69 1.97
C ASN A 105 8.02 4.01 1.16
N LEU A 106 6.82 3.94 1.73
CA LEU A 106 5.57 4.39 1.03
CA LEU A 106 5.60 4.35 0.99
C LEU A 106 5.75 5.81 0.50
N ILE A 107 6.14 6.72 1.37
CA ILE A 107 6.15 8.15 0.96
C ILE A 107 7.31 8.38 -0.03
N MET A 108 8.50 7.89 0.23
CA MET A 108 9.62 8.11 -0.72
C MET A 108 9.22 7.63 -2.11
N GLN A 109 8.73 6.40 -2.24
CA GLN A 109 8.43 5.87 -3.57
C GLN A 109 7.24 6.64 -4.16
N THR A 110 6.23 6.99 -3.36
CA THR A 110 5.04 7.64 -3.94
C THR A 110 5.45 9.01 -4.49
N PHE A 111 6.23 9.78 -3.76
CA PHE A 111 6.60 11.14 -4.23
C PHE A 111 7.48 11.03 -5.48
N VAL A 112 8.41 10.09 -5.49
CA VAL A 112 9.36 9.98 -6.63
C VAL A 112 8.56 9.51 -7.84
N LEU A 113 7.77 8.43 -7.71
CA LEU A 113 7.04 7.90 -8.87
C LEU A 113 6.08 8.95 -9.41
N HIS A 114 5.34 9.63 -8.52
CA HIS A 114 4.34 10.62 -8.96
C HIS A 114 5.03 11.79 -9.66
N GLU A 115 6.10 12.31 -9.11
CA GLU A 115 6.75 13.52 -9.70
C GLU A 115 7.51 13.15 -10.97
N ALA A 116 7.93 11.90 -11.10
CA ALA A 116 8.56 11.43 -12.35
C ALA A 116 7.50 11.48 -13.44
N TYR A 117 6.28 11.05 -13.14
CA TYR A 117 5.15 11.15 -14.08
C TYR A 117 4.80 12.62 -14.39
N LYS A 118 4.69 13.46 -13.37
CA LYS A 118 4.24 14.86 -13.54
C LYS A 118 5.27 15.59 -14.40
N ASN A 119 6.56 15.19 -14.33
CA ASN A 119 7.63 15.88 -15.10
C ASN A 119 8.09 15.07 -16.31
N ASP A 120 7.27 14.16 -16.79
CA ASP A 120 7.37 13.58 -18.15
C ASP A 120 8.71 12.85 -18.28
N CYS A 121 9.14 12.15 -17.22
CA CYS A 121 10.28 11.21 -17.34
CA CYS A 121 10.23 11.15 -17.27
C CYS A 121 9.96 10.18 -18.43
N LYS A 122 11.00 9.75 -19.18
CA LYS A 122 10.84 8.70 -20.21
C LYS A 122 10.63 7.32 -19.58
N LYS A 123 11.47 6.95 -18.64
CA LYS A 123 11.34 5.62 -17.99
C LYS A 123 11.81 5.72 -16.57
N LEU A 124 11.24 4.88 -15.72
CA LEU A 124 11.63 4.79 -14.32
C LEU A 124 11.76 3.30 -14.00
N LEU A 125 12.80 3.00 -13.25
CA LEU A 125 13.12 1.64 -12.75
CA LEU A 125 12.96 1.62 -12.77
C LEU A 125 12.78 1.63 -11.26
N TYR A 126 11.78 0.86 -10.85
CA TYR A 126 11.41 0.71 -9.42
C TYR A 126 12.00 -0.61 -8.95
N LEU A 127 12.75 -0.58 -7.86
CA LEU A 127 13.30 -1.80 -7.23
C LEU A 127 12.32 -2.29 -6.18
N SER A 128 11.92 -3.54 -6.29
CA SER A 128 10.96 -4.19 -5.38
C SER A 128 11.73 -5.28 -4.62
N SER A 129 11.04 -6.27 -4.08
CA SER A 129 11.66 -7.22 -3.16
C SER A 129 10.86 -8.52 -3.17
N LEU A 130 11.49 -9.66 -2.91
CA LEU A 130 10.75 -10.94 -2.92
C LEU A 130 9.68 -10.97 -1.82
N CYS A 131 9.74 -10.10 -0.83
CA CYS A 131 8.74 -10.11 0.26
C CYS A 131 7.34 -9.72 -0.23
N ILE A 132 7.19 -9.26 -1.49
CA ILE A 132 5.86 -9.07 -2.13
C ILE A 132 5.13 -10.39 -2.19
N TYR A 133 5.83 -11.53 -2.13
CA TYR A 133 5.18 -12.81 -2.47
C TYR A 133 4.60 -13.53 -1.26
N PRO A 134 3.53 -14.30 -1.53
CA PRO A 134 2.98 -15.13 -0.50
C PRO A 134 4.00 -16.12 0.11
N GLN A 135 3.87 -16.34 1.41
CA GLN A 135 4.78 -17.24 2.15
C GLN A 135 4.72 -18.64 1.53
N ASP A 136 3.54 -19.08 1.12
CA ASP A 136 3.29 -20.45 0.60
C ASP A 136 3.13 -20.44 -0.91
N ALA A 137 3.66 -19.46 -1.62
CA ALA A 137 3.63 -19.40 -3.09
C ALA A 137 4.25 -20.69 -3.63
N SER A 138 3.73 -21.24 -4.73
CA SER A 138 4.39 -22.43 -5.34
C SER A 138 5.78 -22.02 -5.83
N LEU A 139 6.73 -22.94 -5.75
CA LEU A 139 8.14 -22.67 -6.16
C LEU A 139 8.48 -23.33 -7.49
N PRO A 140 9.40 -22.78 -8.29
CA PRO A 140 9.95 -21.43 -8.11
C PRO A 140 8.88 -20.35 -8.30
N ILE A 141 9.01 -19.25 -7.54
CA ILE A 141 7.98 -18.18 -7.45
C ILE A 141 7.82 -17.46 -8.78
N LYS A 142 6.60 -17.42 -9.24
CA LYS A 142 6.21 -16.74 -10.48
C LYS A 142 5.76 -15.33 -10.12
N GLU A 143 6.00 -14.40 -11.03
CA GLU A 143 5.58 -12.98 -10.84
C GLU A 143 4.07 -12.92 -10.60
N THR A 144 3.30 -13.85 -11.18
CA THR A 144 1.83 -13.85 -11.07
C THR A 144 1.33 -14.23 -9.67
N SER A 145 2.22 -14.62 -8.76
CA SER A 145 1.81 -15.01 -7.39
CA SER A 145 1.86 -15.00 -7.38
C SER A 145 1.63 -13.76 -6.50
N MET A 146 2.08 -12.58 -6.93
CA MET A 146 1.88 -11.37 -6.10
C MET A 146 0.36 -11.17 -5.84
N LEU A 147 0.03 -10.94 -4.58
CA LEU A 147 -1.34 -10.68 -4.05
C LEU A 147 -2.20 -11.94 -4.09
N GLU A 148 -1.60 -13.13 -4.18
CA GLU A 148 -2.40 -14.39 -4.26
C GLU A 148 -2.37 -15.12 -2.95
N GLY A 149 -1.87 -14.54 -1.87
CA GLY A 149 -1.83 -15.27 -0.60
C GLY A 149 -1.12 -14.54 0.51
N LYS A 150 -1.22 -15.11 1.70
CA LYS A 150 -0.76 -14.51 2.96
C LYS A 150 0.76 -14.28 2.88
N LEU A 151 1.20 -13.12 3.37
CA LEU A 151 2.62 -12.73 3.38
C LEU A 151 3.35 -13.37 4.57
N GLN A 152 4.67 -13.34 4.50
CA GLN A 152 5.51 -13.62 5.69
C GLN A 152 5.30 -12.53 6.74
N PHE A 153 4.80 -12.87 7.91
CA PHE A 153 4.57 -11.86 9.00
C PHE A 153 5.77 -10.93 9.20
N ILE A 154 6.98 -11.46 9.32
CA ILE A 154 8.19 -10.65 9.65
C ILE A 154 8.27 -9.47 8.68
N ASN A 155 7.97 -9.72 7.42
CA ASN A 155 8.24 -8.75 6.33
C ASN A 155 7.03 -7.88 6.03
N GLU A 156 5.91 -8.07 6.70
CA GLU A 156 4.67 -7.42 6.21
C GLU A 156 4.86 -5.95 5.94
N PRO A 157 5.46 -5.13 6.82
CA PRO A 157 5.55 -3.69 6.55
C PRO A 157 6.20 -3.33 5.22
N TYR A 158 7.37 -3.89 4.99
CA TYR A 158 8.13 -3.61 3.76
C TYR A 158 7.41 -4.26 2.59
N ALA A 159 6.86 -5.45 2.80
CA ALA A 159 6.10 -6.17 1.75
C ALA A 159 4.93 -5.30 1.25
N VAL A 160 4.20 -4.68 2.16
CA VAL A 160 3.03 -3.84 1.80
C VAL A 160 3.52 -2.61 1.05
N ALA A 161 4.62 -2.00 1.48
CA ALA A 161 5.19 -0.86 0.74
C ALA A 161 5.52 -1.30 -0.69
N LYS A 162 6.13 -2.46 -0.82
CA LYS A 162 6.61 -2.93 -2.14
C LYS A 162 5.45 -3.34 -3.02
N ILE A 163 4.48 -4.07 -2.48
CA ILE A 163 3.26 -4.43 -3.27
C ILE A 163 2.60 -3.16 -3.79
N THR A 164 2.47 -2.16 -2.93
CA THR A 164 1.84 -0.88 -3.29
C THR A 164 2.65 -0.16 -4.37
N GLY A 165 3.97 -0.21 -4.29
CA GLY A 165 4.87 0.39 -5.30
C GLY A 165 4.73 -0.36 -6.61
N ASN A 166 4.73 -1.69 -6.57
CA ASN A 166 4.57 -2.48 -7.81
C ASN A 166 3.23 -2.09 -8.48
N LYS A 167 2.16 -2.11 -7.68
CA LYS A 167 0.81 -1.82 -8.22
C LYS A 167 0.74 -0.37 -8.70
N MET A 168 1.38 0.56 -8.02
CA MET A 168 1.42 1.96 -8.49
C MET A 168 2.04 2.06 -9.88
N CYS A 169 3.10 1.34 -10.15
CA CYS A 169 3.72 1.34 -11.48
C CYS A 169 2.68 0.82 -12.47
N GLU A 170 2.02 -0.31 -12.18
CA GLU A 170 1.00 -0.89 -13.12
C GLU A 170 -0.05 0.19 -13.45
N PHE A 171 -0.53 0.90 -12.43
CA PHE A 171 -1.71 1.79 -12.57
C PHE A 171 -1.30 3.04 -13.35
N TYR A 172 -0.12 3.60 -13.08
CA TYR A 172 0.42 4.73 -13.87
C TYR A 172 0.61 4.26 -15.32
N ASN A 173 1.12 3.06 -15.50
CA ASN A 173 1.34 2.55 -16.87
C ASN A 173 -0.01 2.49 -17.58
N GLN A 174 -1.04 1.98 -16.89
CA GLN A 174 -2.37 1.79 -17.50
CA GLN A 174 -2.44 1.78 -17.38
C GLN A 174 -3.05 3.14 -17.73
N GLN A 175 -3.09 4.03 -16.74
CA GLN A 175 -3.90 5.26 -16.90
C GLN A 175 -3.16 6.28 -17.77
N PHE A 176 -1.82 6.37 -17.64
CA PHE A 176 -1.06 7.53 -18.14
C PHE A 176 -0.11 7.14 -19.28
N GLY A 177 0.10 5.85 -19.54
CA GLY A 177 1.02 5.41 -20.59
C GLY A 177 2.47 5.65 -20.20
N THR A 178 2.81 5.56 -18.91
CA THR A 178 4.20 5.68 -18.42
C THR A 178 4.96 4.38 -18.75
N ASN A 179 6.27 4.43 -18.56
CA ASN A 179 7.17 3.26 -18.64
C ASN A 179 7.80 3.09 -17.28
N PHE A 180 6.99 2.66 -16.31
CA PHE A 180 7.42 2.40 -14.93
C PHE A 180 7.65 0.90 -14.83
N ILE A 181 8.92 0.53 -14.74
CA ILE A 181 9.37 -0.89 -14.86
CA ILE A 181 9.33 -0.90 -14.85
C ILE A 181 9.84 -1.35 -13.48
N THR A 182 9.45 -2.56 -13.07
CA THR A 182 9.81 -3.09 -11.73
C THR A 182 10.73 -4.30 -11.88
N LEU A 183 11.86 -4.31 -11.21
CA LEU A 183 12.69 -5.54 -11.01
C LEU A 183 12.59 -5.96 -9.55
N VAL A 184 12.42 -7.26 -9.35
CA VAL A 184 12.26 -7.87 -8.02
C VAL A 184 13.50 -8.75 -7.75
N PRO A 185 14.59 -8.18 -7.20
CA PRO A 185 15.78 -8.98 -6.95
C PRO A 185 15.55 -9.89 -5.72
N THR A 186 16.28 -11.00 -5.73
CA THR A 186 16.55 -11.80 -4.50
CA THR A 186 16.51 -11.78 -4.48
C THR A 186 17.42 -10.98 -3.55
N SER A 187 17.73 -11.53 -2.39
CA SER A 187 18.72 -10.96 -1.46
C SER A 187 20.00 -10.63 -2.24
N ILE A 188 20.54 -9.42 -2.01
CA ILE A 188 21.72 -8.87 -2.68
C ILE A 188 22.87 -8.89 -1.71
N TYR A 189 24.10 -9.01 -2.22
CA TYR A 189 25.25 -8.83 -1.33
C TYR A 189 26.33 -8.13 -2.13
N GLY A 190 27.27 -7.53 -1.43
CA GLY A 190 28.53 -7.05 -2.01
C GLY A 190 29.01 -5.79 -1.35
N PRO A 191 30.06 -5.19 -1.96
CA PRO A 191 30.62 -3.95 -1.46
C PRO A 191 29.53 -2.87 -1.37
N GLY A 192 29.57 -2.05 -0.33
CA GLY A 192 28.66 -0.89 -0.20
C GLY A 192 27.45 -1.22 0.62
N ASP A 193 27.33 -2.45 1.09
CA ASP A 193 26.14 -2.86 1.90
C ASP A 193 26.19 -2.20 3.30
N ASN A 194 25.10 -2.36 4.04
CA ASN A 194 25.03 -2.10 5.49
C ASN A 194 25.54 -3.35 6.20
N PHE A 195 26.71 -3.30 6.85
CA PHE A 195 27.26 -4.42 7.66
C PHE A 195 27.09 -4.23 9.18
N ASN A 196 26.21 -3.31 9.62
CA ASN A 196 25.95 -3.15 11.07
C ASN A 196 25.46 -4.47 11.59
N LEU A 197 26.08 -5.00 12.63
CA LEU A 197 25.76 -6.39 13.05
C LEU A 197 24.29 -6.47 13.46
N ALA A 198 23.72 -5.43 14.09
CA ALA A 198 22.33 -5.43 14.59
C ALA A 198 21.31 -5.25 13.44
N THR A 199 21.58 -4.39 12.49
CA THR A 199 20.58 -3.97 11.47
C THR A 199 20.82 -4.58 10.11
N ALA A 200 21.94 -5.25 9.88
CA ALA A 200 22.22 -5.82 8.55
C ALA A 200 21.27 -6.97 8.22
N HIS A 201 20.97 -7.08 6.93
CA HIS A 201 20.41 -8.29 6.28
C HIS A 201 21.35 -9.49 6.48
N VAL A 202 20.85 -10.67 6.15
CA VAL A 202 21.55 -11.92 6.53
C VAL A 202 22.96 -11.98 5.93
N PHE A 203 23.11 -11.81 4.62
CA PHE A 203 24.44 -12.01 3.96
C PHE A 203 25.48 -11.07 4.52
N PRO A 204 25.28 -9.73 4.51
CA PRO A 204 26.28 -8.84 5.11
C PRO A 204 26.48 -9.10 6.60
N ALA A 205 25.44 -9.43 7.36
CA ALA A 205 25.55 -9.70 8.81
C ALA A 205 26.47 -10.91 9.00
N ILE A 206 26.19 -12.00 8.31
CA ILE A 206 26.96 -13.24 8.64
C ILE A 206 28.39 -13.05 8.14
N PHE A 207 28.57 -12.36 7.01
CA PHE A 207 29.94 -12.06 6.50
C PHE A 207 30.69 -11.25 7.56
N ALA A 208 30.09 -10.17 8.07
CA ALA A 208 30.80 -9.28 9.02
C ALA A 208 31.05 -10.03 10.33
N LYS A 209 30.09 -10.83 10.78
CA LYS A 209 30.21 -11.60 12.04
C LYS A 209 31.38 -12.59 11.92
N ILE A 210 31.45 -13.30 10.81
CA ILE A 210 32.53 -14.32 10.64
C ILE A 210 33.87 -13.60 10.51
N TYR A 211 33.93 -12.50 9.78
CA TYR A 211 35.18 -11.72 9.61
C TYR A 211 35.68 -11.22 10.95
N LEU A 212 34.82 -10.61 11.76
CA LEU A 212 35.27 -10.14 13.11
C LEU A 212 35.66 -11.32 13.99
N GLY A 213 34.93 -12.42 13.91
CA GLY A 213 35.22 -13.65 14.67
C GLY A 213 36.62 -14.12 14.30
N LYS A 214 36.94 -14.09 13.01
CA LYS A 214 38.28 -14.45 12.51
C LYS A 214 39.34 -13.53 13.11
N LEU A 215 39.16 -12.22 13.06
CA LEU A 215 40.22 -11.29 13.56
C LEU A 215 40.45 -11.60 15.03
N LEU A 216 39.37 -11.86 15.78
CA LEU A 216 39.46 -12.10 17.25
C LEU A 216 40.22 -13.42 17.48
N ASN A 217 39.82 -14.46 16.76
CA ASN A 217 40.41 -15.83 16.86
C ASN A 217 41.92 -15.77 16.61
N GLU A 218 42.35 -14.87 15.74
CA GLU A 218 43.75 -14.70 15.26
C GLU A 218 44.41 -13.53 16.00
N GLN A 219 43.78 -13.04 17.07
CA GLN A 219 44.37 -11.98 17.93
C GLN A 219 44.86 -10.81 17.08
N LYS A 220 44.12 -10.46 16.02
CA LYS A 220 44.43 -9.30 15.15
C LYS A 220 43.76 -8.06 15.76
N HIS A 221 44.25 -7.68 16.95
CA HIS A 221 43.65 -6.62 17.80
C HIS A 221 43.61 -5.30 17.02
N GLN A 222 44.69 -4.90 16.33
CA GLN A 222 44.72 -3.58 15.66
C GLN A 222 43.68 -3.53 14.53
N GLU A 223 43.47 -4.62 13.78
CA GLU A 223 42.52 -4.64 12.64
C GLU A 223 41.10 -4.52 13.20
N LEU A 224 40.84 -5.19 14.32
CA LEU A 224 39.57 -5.09 15.07
C LEU A 224 39.35 -3.64 15.50
N PHE A 225 40.35 -3.02 16.15
CA PHE A 225 40.28 -1.57 16.51
C PHE A 225 39.91 -0.76 15.26
N ASN A 226 40.65 -0.92 14.16
CA ASN A 226 40.49 -0.09 12.93
C ASN A 226 39.12 -0.33 12.31
N SER A 227 38.72 -1.60 12.21
CA SER A 227 37.45 -2.06 11.57
C SER A 227 36.24 -1.57 12.36
N LEU A 228 36.27 -1.65 13.69
CA LEU A 228 35.11 -1.35 14.58
C LEU A 228 35.17 0.09 15.10
N ARG A 229 36.22 0.84 14.79
CA ARG A 229 36.45 2.20 15.38
C ARG A 229 36.37 2.13 16.90
N LEU A 230 37.07 1.16 17.52
CA LEU A 230 37.25 1.06 18.99
C LEU A 230 38.75 1.05 19.29
N ASP A 231 39.14 1.16 20.57
CA ASP A 231 40.52 1.53 21.01
C ASP A 231 41.21 0.43 21.83
N ASN A 232 40.47 -0.54 22.38
CA ASN A 232 41.02 -1.60 23.27
C ASN A 232 40.14 -2.86 23.15
N ILE A 233 40.65 -4.01 23.56
CA ILE A 233 39.98 -5.33 23.27
C ILE A 233 38.84 -5.57 24.26
N GLN A 234 38.86 -4.91 25.44
CA GLN A 234 37.75 -5.00 26.42
C GLN A 234 36.47 -4.55 25.71
N ASP A 235 36.56 -3.43 25.00
CA ASP A 235 35.45 -2.80 24.24
C ASP A 235 35.08 -3.67 23.03
N VAL A 236 36.08 -4.20 22.32
CA VAL A 236 35.84 -5.15 21.20
C VAL A 236 35.13 -6.38 21.75
N LEU A 237 35.65 -6.99 22.83
CA LEU A 237 35.09 -8.25 23.37
C LEU A 237 33.65 -7.99 23.82
N LYS A 238 33.40 -6.82 24.43
CA LYS A 238 32.07 -6.47 24.97
C LYS A 238 31.11 -6.31 23.79
N TYR A 239 31.52 -5.57 22.76
CA TYR A 239 30.68 -5.37 21.54
C TYR A 239 30.32 -6.75 20.95
N LEU A 240 31.32 -7.61 20.74
CA LEU A 240 31.12 -8.90 20.05
C LEU A 240 30.35 -9.89 20.94
N SER A 241 30.48 -9.84 22.28
CA SER A 241 29.71 -10.71 23.22
C SER A 241 28.19 -10.53 23.05
N GLN A 242 27.74 -9.31 22.67
CA GLN A 242 26.31 -9.03 22.40
C GLN A 242 25.77 -9.99 21.32
N PHE A 243 26.65 -10.47 20.42
CA PHE A 243 26.28 -11.40 19.33
C PHE A 243 26.79 -12.81 19.60
N ASP A 244 27.24 -13.06 20.84
CA ASP A 244 27.78 -14.37 21.27
C ASP A 244 28.93 -14.72 20.31
N ILE A 245 29.75 -13.72 20.00
CA ILE A 245 31.02 -13.91 19.24
C ILE A 245 32.18 -13.73 20.23
N ASP A 246 33.07 -14.73 20.31
CA ASP A 246 34.30 -14.67 21.14
C ASP A 246 35.46 -15.19 20.30
N GLU A 247 36.63 -15.36 20.92
CA GLU A 247 37.87 -15.79 20.24
C GLU A 247 37.71 -17.23 19.69
N ASN A 248 36.71 -18.01 20.08
CA ASN A 248 36.55 -19.44 19.66
C ASN A 248 35.40 -19.66 18.66
N LYS A 249 34.34 -18.83 18.75
CA LYS A 249 33.05 -19.09 18.06
C LYS A 249 32.47 -17.78 17.49
N VAL A 250 31.69 -17.95 16.44
CA VAL A 250 30.79 -16.91 15.87
C VAL A 250 29.40 -17.52 15.90
N THR A 251 28.48 -16.87 16.60
CA THR A 251 27.07 -17.30 16.67
C THR A 251 26.30 -16.51 15.63
N LEU A 252 25.50 -17.20 14.87
CA LEU A 252 24.59 -16.63 13.85
C LEU A 252 23.15 -16.86 14.29
N LEU A 253 22.20 -16.25 13.59
CA LEU A 253 20.77 -16.25 14.05
C LEU A 253 20.05 -17.45 13.50
N GLY A 254 19.14 -18.02 14.30
CA GLY A 254 18.18 -19.01 13.85
C GLY A 254 18.84 -20.38 13.75
N SER A 255 18.26 -21.22 12.92
CA SER A 255 18.69 -22.63 12.73
C SER A 255 19.76 -22.73 11.67
N GLY A 256 19.87 -21.73 10.77
CA GLY A 256 20.72 -21.88 9.57
C GLY A 256 20.07 -22.65 8.43
N ASN A 257 18.86 -23.20 8.64
CA ASN A 257 18.17 -24.04 7.66
C ASN A 257 17.46 -23.23 6.57
N PRO A 258 17.02 -21.97 6.76
CA PRO A 258 16.36 -21.28 5.64
C PRO A 258 17.23 -21.25 4.39
N ARG A 259 16.61 -21.42 3.23
CA ARG A 259 17.30 -21.48 1.93
C ARG A 259 16.77 -20.39 1.02
N ARG A 260 17.70 -19.70 0.37
CA ARG A 260 17.32 -18.71 -0.62
C ARG A 260 18.45 -18.50 -1.61
N GLU A 261 18.14 -17.73 -2.64
CA GLU A 261 19.13 -17.35 -3.68
C GLU A 261 19.78 -16.03 -3.29
N PHE A 262 20.97 -15.79 -3.81
CA PHE A 262 21.70 -14.54 -3.62
C PHE A 262 22.20 -14.01 -4.95
N ILE A 263 22.28 -12.69 -5.04
CA ILE A 263 22.75 -12.06 -6.29
C ILE A 263 23.74 -10.96 -5.93
N TYR A 264 24.86 -10.92 -6.65
CA TYR A 264 25.93 -9.92 -6.41
C TYR A 264 25.47 -8.54 -6.89
N VAL A 265 25.81 -7.51 -6.12
CA VAL A 265 25.33 -6.11 -6.36
C VAL A 265 25.63 -5.69 -7.78
N ASP A 266 26.81 -5.97 -8.32
CA ASP A 266 27.13 -5.48 -9.69
C ASP A 266 26.23 -6.16 -10.70
N ASP A 267 25.80 -7.41 -10.47
CA ASP A 267 24.84 -8.08 -11.38
C ASP A 267 23.48 -7.35 -11.31
N VAL A 268 23.07 -6.88 -10.14
CA VAL A 268 21.78 -6.17 -10.02
C VAL A 268 21.89 -4.84 -10.79
N ALA A 269 22.98 -4.11 -10.60
CA ALA A 269 23.25 -2.83 -11.29
C ALA A 269 23.17 -3.09 -12.79
N ASP A 270 23.83 -4.13 -13.26
CA ASP A 270 23.85 -4.48 -14.71
C ASP A 270 22.44 -4.76 -15.18
N ALA A 271 21.67 -5.55 -14.41
CA ALA A 271 20.29 -5.88 -14.77
C ALA A 271 19.45 -4.59 -14.80
N CYS A 272 19.65 -3.66 -13.87
CA CYS A 272 18.84 -2.41 -13.81
C CYS A 272 19.10 -1.58 -15.08
N ILE A 273 20.36 -1.49 -15.45
CA ILE A 273 20.76 -0.69 -16.63
C ILE A 273 20.24 -1.39 -17.88
N PHE A 274 20.39 -2.71 -17.95
CA PHE A 274 19.89 -3.53 -19.07
C PHE A 274 18.38 -3.33 -19.26
N THR A 275 17.65 -3.38 -18.14
CA THR A 275 16.18 -3.23 -18.14
C THR A 275 15.81 -1.83 -18.62
N MET A 276 16.50 -0.79 -18.14
CA MET A 276 16.26 0.63 -18.51
C MET A 276 16.60 0.87 -20.00
N ASP A 277 17.59 0.20 -20.55
CA ASP A 277 17.95 0.31 -21.98
C ASP A 277 16.93 -0.43 -22.85
N LYS A 278 16.36 -1.56 -22.40
CA LYS A 278 15.73 -2.61 -23.25
C LYS A 278 14.23 -2.85 -23.02
N ILE A 279 13.64 -2.49 -21.88
CA ILE A 279 12.19 -2.77 -21.60
C ILE A 279 11.39 -1.46 -21.69
N ASP A 280 10.20 -1.54 -22.24
CA ASP A 280 9.22 -0.45 -22.12
C ASP A 280 7.83 -1.03 -21.84
N ALA A 281 6.83 -0.14 -21.66
CA ALA A 281 5.43 -0.52 -21.36
C ALA A 281 4.94 -1.54 -22.38
N SER A 282 5.16 -1.31 -23.66
CA SER A 282 4.62 -2.19 -24.73
C SER A 282 5.14 -3.63 -24.52
N MET A 283 6.38 -3.79 -24.08
CA MET A 283 6.92 -5.14 -23.83
CA MET A 283 6.95 -5.14 -23.81
C MET A 283 6.24 -5.74 -22.59
N LEU A 284 5.88 -4.93 -21.60
CA LEU A 284 5.21 -5.50 -20.40
C LEU A 284 3.84 -6.07 -20.79
N LYS A 285 3.17 -5.47 -21.78
CA LYS A 285 1.82 -5.92 -22.19
C LYS A 285 1.89 -7.34 -22.76
N LYS A 286 3.05 -7.80 -23.21
CA LYS A 286 3.19 -9.19 -23.71
C LYS A 286 3.01 -10.17 -22.54
N TYR A 287 3.29 -9.75 -21.30
CA TYR A 287 3.10 -10.62 -20.12
C TYR A 287 1.63 -10.55 -19.70
N ASP A 288 1.04 -9.34 -19.67
CA ASP A 288 -0.39 -9.11 -19.35
C ASP A 288 -0.87 -7.81 -19.96
N GLU A 289 -1.92 -7.86 -20.79
CA GLU A 289 -2.30 -6.67 -21.59
C GLU A 289 -2.81 -5.57 -20.66
N ASN A 290 -3.15 -5.89 -19.39
CA ASN A 290 -3.57 -4.88 -18.38
C ASN A 290 -2.47 -4.58 -17.36
N PHE A 291 -1.23 -4.97 -17.68
CA PHE A 291 -0.03 -4.71 -16.83
C PHE A 291 -0.11 -5.46 -15.51
N HIS A 292 -1.00 -6.43 -15.42
CA HIS A 292 -1.24 -7.14 -14.14
C HIS A 292 -0.03 -8.04 -13.80
N ASN A 293 0.63 -7.80 -12.67
CA ASN A 293 1.79 -8.60 -12.21
C ASN A 293 2.87 -8.63 -13.30
N THR A 294 3.22 -7.48 -13.90
CA THR A 294 4.21 -7.37 -15.00
C THR A 294 5.55 -6.85 -14.51
N HIS A 295 5.78 -6.87 -13.20
CA HIS A 295 7.16 -6.82 -12.69
C HIS A 295 7.97 -8.00 -13.23
N LEU A 296 9.29 -7.95 -13.09
CA LEU A 296 10.20 -9.03 -13.53
C LEU A 296 11.05 -9.48 -12.33
N ASN A 297 11.01 -10.77 -12.06
CA ASN A 297 11.93 -11.35 -11.06
C ASN A 297 13.37 -11.21 -11.53
N LEU A 298 14.29 -11.05 -10.59
CA LEU A 298 15.74 -10.98 -10.87
C LEU A 298 16.47 -11.90 -9.87
N ALA A 299 17.09 -12.96 -10.38
CA ALA A 299 17.81 -13.94 -9.54
C ALA A 299 18.83 -14.66 -10.40
N ASP A 300 19.79 -15.25 -9.73
CA ASP A 300 20.86 -16.05 -10.33
C ASP A 300 21.25 -17.15 -9.36
N GLY A 301 21.41 -18.35 -9.89
CA GLY A 301 22.01 -19.45 -9.15
C GLY A 301 21.01 -20.24 -8.35
N LYS A 302 21.53 -21.21 -7.62
CA LYS A 302 20.68 -22.11 -6.84
C LYS A 302 20.38 -21.46 -5.49
N ASP A 303 19.48 -22.07 -4.77
CA ASP A 303 19.23 -21.76 -3.33
C ASP A 303 20.32 -22.36 -2.46
N TYR A 304 20.69 -21.64 -1.44
CA TYR A 304 21.66 -22.08 -0.43
C TYR A 304 21.01 -21.89 0.90
N SER A 305 21.32 -22.78 1.82
CA SER A 305 20.94 -22.53 3.22
C SER A 305 21.84 -21.44 3.79
N ILE A 306 21.37 -20.78 4.83
CA ILE A 306 22.21 -19.76 5.50
C ILE A 306 23.45 -20.47 6.06
N LYS A 307 23.28 -21.69 6.57
CA LYS A 307 24.42 -22.46 7.10
C LYS A 307 25.44 -22.75 5.99
N GLU A 308 25.02 -23.15 4.79
CA GLU A 308 25.96 -23.39 3.63
C GLU A 308 26.75 -22.11 3.32
N VAL A 309 26.05 -20.97 3.27
CA VAL A 309 26.72 -19.69 2.99
C VAL A 309 27.73 -19.42 4.10
N ALA A 310 27.36 -19.63 5.35
CA ALA A 310 28.23 -19.36 6.49
C ALA A 310 29.52 -20.17 6.34
N PHE A 311 29.37 -21.44 6.05
CA PHE A 311 30.53 -22.36 5.96
C PHE A 311 31.36 -22.01 4.72
N LEU A 312 30.75 -21.52 3.66
CA LEU A 312 31.48 -21.10 2.44
C LEU A 312 32.32 -19.88 2.82
N ILE A 313 31.76 -18.92 3.53
CA ILE A 313 32.51 -17.71 3.95
C ILE A 313 33.68 -18.14 4.83
N LYS A 314 33.40 -19.01 5.78
CA LYS A 314 34.41 -19.50 6.74
C LYS A 314 35.58 -20.08 5.94
N ASP A 315 35.30 -20.86 4.91
CA ASP A 315 36.38 -21.46 4.11
C ASP A 315 37.14 -20.37 3.35
N ILE A 316 36.44 -19.55 2.61
CA ILE A 316 37.07 -18.51 1.76
C ILE A 316 37.94 -17.62 2.62
N ILE A 317 37.48 -17.11 3.78
CA ILE A 317 38.29 -16.10 4.50
C ILE A 317 39.22 -16.81 5.49
N GLY A 318 39.14 -18.14 5.62
CA GLY A 318 40.09 -18.90 6.45
C GLY A 318 39.79 -18.75 7.93
N TYR A 319 38.51 -18.68 8.32
CA TYR A 319 38.16 -18.63 9.76
C TYR A 319 38.36 -20.01 10.37
N LYS A 320 39.09 -20.11 11.50
CA LYS A 320 39.46 -21.39 12.15
C LYS A 320 38.48 -21.75 13.27
N GLY A 321 37.59 -20.83 13.65
CA GLY A 321 36.69 -21.05 14.79
C GLY A 321 35.42 -21.78 14.44
N ASP A 322 34.53 -21.87 15.41
CA ASP A 322 33.24 -22.59 15.30
C ASP A 322 32.18 -21.58 14.85
N ILE A 323 31.31 -22.03 13.98
CA ILE A 323 30.04 -21.33 13.65
C ILE A 323 28.91 -22.07 14.35
N ILE A 324 28.23 -21.40 15.28
CA ILE A 324 27.05 -21.92 16.02
C ILE A 324 25.81 -21.15 15.55
N PHE A 325 24.72 -21.85 15.34
CA PHE A 325 23.43 -21.24 14.96
C PHE A 325 22.52 -21.24 16.18
N ASP A 326 22.19 -20.04 16.65
CA ASP A 326 21.33 -19.89 17.86
C ASP A 326 19.88 -20.07 17.42
N SER A 327 19.39 -21.31 17.49
CA SER A 327 18.05 -21.69 16.99
CA SER A 327 18.04 -21.71 17.00
C SER A 327 16.95 -21.10 17.89
N SER A 328 17.34 -20.40 18.96
CA SER A 328 16.40 -19.64 19.83
C SER A 328 15.92 -18.37 19.12
N LYS A 329 16.55 -17.96 18.01
CA LYS A 329 16.15 -16.77 17.23
C LYS A 329 15.29 -17.24 16.07
N LEU A 330 14.55 -16.32 15.47
CA LEU A 330 13.51 -16.61 14.44
C LEU A 330 14.14 -16.98 13.10
N ASP A 331 13.58 -18.02 12.52
N ASP A 331 13.49 -17.85 12.31
CA ASP A 331 13.54 -18.18 11.06
CA ASP A 331 13.93 -18.30 10.95
C ASP A 331 12.13 -17.80 10.65
C ASP A 331 13.16 -17.61 9.80
N GLY A 332 12.02 -17.31 9.43
N GLY A 332 11.83 -17.55 9.90
CA GLY A 332 10.72 -17.13 8.78
CA GLY A 332 10.95 -17.09 8.80
C GLY A 332 10.55 -18.13 7.67
C GLY A 332 10.81 -18.10 7.68
N THR A 333 10.55 -17.65 6.44
CA THR A 333 10.26 -18.50 5.29
C THR A 333 11.46 -19.44 5.06
N MET A 334 11.18 -20.74 4.93
CA MET A 334 12.26 -21.73 4.96
C MET A 334 12.83 -21.97 3.58
N LEU A 335 12.11 -21.67 2.52
CA LEU A 335 12.61 -21.93 1.16
C LEU A 335 12.07 -20.87 0.21
N LYS A 336 12.98 -20.22 -0.47
CA LYS A 336 12.66 -19.27 -1.57
C LYS A 336 13.49 -19.62 -2.79
N THR A 337 12.82 -19.93 -3.91
CA THR A 337 13.40 -19.98 -5.26
C THR A 337 12.50 -19.15 -6.18
N THR A 338 13.11 -18.62 -7.23
CA THR A 338 12.54 -17.58 -8.08
C THR A 338 12.44 -18.09 -9.51
N ASN A 339 11.28 -17.92 -10.13
CA ASN A 339 11.14 -18.13 -11.59
C ASN A 339 11.73 -16.91 -12.29
N THR A 340 12.78 -17.10 -13.11
CA THR A 340 13.41 -15.97 -13.81
C THR A 340 13.25 -16.11 -15.32
N GLU A 341 12.25 -16.83 -15.79
CA GLU A 341 12.00 -16.98 -17.25
C GLU A 341 11.85 -15.62 -17.95
N ARG A 342 11.13 -14.63 -17.38
CA ARG A 342 10.94 -13.36 -18.12
C ARG A 342 12.30 -12.71 -18.41
N ILE A 343 13.13 -12.55 -17.39
CA ILE A 343 14.37 -11.77 -17.61
C ILE A 343 15.40 -12.63 -18.37
N ARG A 344 15.37 -13.94 -18.19
CA ARG A 344 16.30 -14.85 -18.92
C ARG A 344 15.99 -14.71 -20.41
N LYS A 345 14.70 -14.76 -20.76
CA LYS A 345 14.34 -14.71 -22.20
C LYS A 345 14.63 -13.33 -22.79
N LEU A 346 14.59 -12.27 -21.98
CA LEU A 346 14.95 -10.92 -22.45
C LEU A 346 16.45 -10.79 -22.75
N GLY A 347 17.28 -11.68 -22.21
CA GLY A 347 18.68 -11.86 -22.63
C GLY A 347 19.67 -11.54 -21.52
N TRP A 348 19.21 -11.35 -20.30
CA TRP A 348 20.11 -10.98 -19.19
C TRP A 348 20.67 -12.24 -18.52
N LYS A 349 21.95 -12.18 -18.14
CA LYS A 349 22.58 -13.24 -17.33
C LYS A 349 23.56 -12.61 -16.34
N ALA A 350 23.72 -13.26 -15.22
CA ALA A 350 24.64 -12.85 -14.16
C ALA A 350 26.05 -13.14 -14.63
N LYS A 351 26.97 -12.35 -14.17
CA LYS A 351 28.40 -12.52 -14.45
C LYS A 351 29.10 -13.10 -13.23
N ILE A 352 28.62 -12.86 -12.01
CA ILE A 352 29.46 -13.10 -10.81
C ILE A 352 28.92 -14.32 -10.06
N LYS A 353 29.75 -15.36 -9.98
CA LYS A 353 29.44 -16.57 -9.21
C LYS A 353 29.64 -16.29 -7.71
N LEU A 354 28.92 -17.00 -6.88
CA LEU A 354 28.88 -16.76 -5.41
C LEU A 354 30.31 -16.73 -4.82
N GLU A 355 31.17 -17.70 -5.16
CA GLU A 355 32.54 -17.71 -4.58
C GLU A 355 33.30 -16.45 -4.99
N ASP A 356 33.16 -15.99 -6.23
CA ASP A 356 33.89 -14.80 -6.69
C ASP A 356 33.32 -13.55 -6.05
N GLY A 357 31.99 -13.49 -5.88
CA GLY A 357 31.36 -12.34 -5.20
C GLY A 357 31.82 -12.26 -3.76
N ILE A 358 31.90 -13.38 -3.06
CA ILE A 358 32.40 -13.39 -1.66
C ILE A 358 33.84 -12.85 -1.68
N LYS A 359 34.66 -13.33 -2.62
CA LYS A 359 36.08 -12.90 -2.67
C LYS A 359 36.20 -11.41 -2.97
N MET A 360 35.42 -10.89 -3.91
CA MET A 360 35.40 -9.45 -4.24
C MET A 360 34.94 -8.66 -3.02
N MET A 361 33.93 -9.14 -2.30
CA MET A 361 33.45 -8.38 -1.14
C MET A 361 34.54 -8.39 -0.05
N TYR A 362 35.19 -9.53 0.18
CA TYR A 362 36.29 -9.66 1.16
C TYR A 362 37.43 -8.69 0.80
N GLU A 363 37.87 -8.71 -0.45
CA GLU A 363 38.96 -7.84 -0.97
C GLU A 363 38.63 -6.36 -0.68
N TRP A 364 37.41 -5.96 -1.01
CA TRP A 364 36.91 -4.61 -0.70
C TRP A 364 36.92 -4.39 0.81
N TYR A 365 36.43 -5.35 1.61
CA TYR A 365 36.28 -5.20 3.07
C TYR A 365 37.66 -4.93 3.68
N LEU A 366 38.68 -5.59 3.14
CA LEU A 366 40.06 -5.52 3.69
C LEU A 366 40.64 -4.13 3.42
N LYS A 367 40.09 -3.36 2.49
CA LYS A 367 40.71 -2.06 2.08
C LYS A 367 39.80 -0.88 2.37
N GLU A 368 38.46 -1.06 2.41
CA GLU A 368 37.51 0.09 2.57
C GLU A 368 37.70 0.72 3.95
N GLN A 369 37.78 2.05 4.01
CA GLN A 369 37.94 2.79 5.30
C GLN A 369 36.65 3.52 5.68
N ASN A 370 35.55 3.41 4.91
CA ASN A 370 34.24 4.02 5.28
C ASN A 370 33.11 2.99 5.17
N ILE A 371 33.27 1.84 5.82
CA ILE A 371 32.27 0.72 5.80
C ILE A 371 31.04 1.17 6.61
N ARG A 372 29.85 0.86 6.10
CA ARG A 372 28.60 1.07 6.85
C ARG A 372 28.50 0.02 7.97
N GLN A 373 28.58 0.43 9.25
CA GLN A 373 28.45 -0.52 10.41
C GLN A 373 27.95 0.16 11.69
N HIS B 20 -18.59 5.08 26.09
CA HIS B 20 -18.95 6.53 26.01
C HIS B 20 -17.78 7.42 26.46
N MET B 21 -16.57 7.20 25.90
CA MET B 21 -15.30 7.82 26.41
C MET B 21 -14.99 9.13 25.69
N MET B 22 -15.43 9.44 24.44
CA MET B 22 -15.27 10.85 23.96
C MET B 22 -16.10 11.71 24.90
N ASN B 23 -15.54 12.80 25.38
CA ASN B 23 -16.31 13.76 26.22
C ASN B 23 -16.98 14.76 25.28
N LYS B 24 -18.05 15.43 25.73
CA LYS B 24 -18.74 16.49 24.95
C LYS B 24 -17.75 17.59 24.56
N ASP B 25 -16.71 17.83 25.37
CA ASP B 25 -15.72 18.89 25.07
C ASP B 25 -14.43 18.35 24.43
N SER B 26 -14.38 17.07 24.06
CA SER B 26 -13.19 16.47 23.40
C SER B 26 -12.95 17.18 22.07
N LYS B 27 -11.68 17.40 21.70
CA LYS B 27 -11.33 17.98 20.38
C LYS B 27 -11.48 16.84 19.36
N ILE B 28 -12.53 16.90 18.55
CA ILE B 28 -12.87 15.81 17.58
C ILE B 28 -12.78 16.37 16.15
N TYR B 29 -11.87 15.79 15.37
CA TYR B 29 -11.64 16.18 13.95
C TYR B 29 -12.38 15.16 13.09
N ILE B 30 -13.24 15.64 12.20
CA ILE B 30 -13.88 14.79 11.16
C ILE B 30 -13.29 15.23 9.84
N ALA B 31 -12.36 14.45 9.31
CA ALA B 31 -11.79 14.66 7.97
C ALA B 31 -12.83 14.24 6.94
N GLY B 32 -12.95 15.00 5.85
CA GLY B 32 -13.94 14.63 4.82
C GLY B 32 -15.35 14.87 5.33
N HIS B 33 -15.58 15.97 6.07
CA HIS B 33 -16.87 16.24 6.74
C HIS B 33 -17.97 16.58 5.74
N THR B 34 -17.66 16.92 4.48
CA THR B 34 -18.70 17.28 3.50
C THR B 34 -19.21 16.04 2.78
N GLY B 35 -18.59 14.87 2.95
CA GLY B 35 -18.96 13.67 2.20
C GLY B 35 -20.15 12.96 2.85
N LEU B 36 -20.48 11.81 2.32
CA LEU B 36 -21.64 11.00 2.72
C LEU B 36 -21.46 10.64 4.19
N VAL B 37 -20.39 9.93 4.55
CA VAL B 37 -20.20 9.46 5.95
C VAL B 37 -19.82 10.65 6.84
N GLY B 38 -18.86 11.44 6.40
CA GLY B 38 -18.39 12.54 7.27
C GLY B 38 -19.52 13.47 7.66
N SER B 39 -20.40 13.79 6.72
CA SER B 39 -21.49 14.79 7.00
C SER B 39 -22.44 14.15 8.03
N SER B 40 -22.69 12.85 7.95
CA SER B 40 -23.61 12.17 8.91
C SER B 40 -23.00 12.15 10.32
N ILE B 41 -21.70 11.93 10.41
CA ILE B 41 -21.04 11.91 11.73
C ILE B 41 -21.07 13.33 12.29
N LEU B 42 -20.73 14.33 11.48
CA LEU B 42 -20.68 15.72 11.99
C LEU B 42 -22.08 16.10 12.47
N LYS B 43 -23.11 15.81 11.68
CA LYS B 43 -24.51 16.20 12.03
C LYS B 43 -24.92 15.54 13.35
N LYS B 44 -24.55 14.27 13.55
CA LYS B 44 -24.91 13.55 14.78
C LYS B 44 -24.20 14.20 15.96
N LEU B 45 -22.91 14.50 15.82
CA LEU B 45 -22.18 15.07 16.95
C LEU B 45 -22.66 16.49 17.22
N GLN B 46 -22.97 17.28 16.21
CA GLN B 46 -23.52 18.64 16.44
C GLN B 46 -24.84 18.50 17.19
N ASN B 47 -25.68 17.58 16.78
CA ASN B 47 -27.07 17.45 17.31
C ASN B 47 -27.00 16.95 18.76
N ASP B 48 -25.96 16.17 19.10
CA ASP B 48 -25.77 15.57 20.44
C ASP B 48 -25.06 16.55 21.36
N GLY B 49 -24.65 17.73 20.89
CA GLY B 49 -24.14 18.83 21.74
C GLY B 49 -22.64 18.80 21.95
N TYR B 50 -21.89 18.10 21.10
CA TYR B 50 -20.40 18.12 21.20
C TYR B 50 -19.91 19.52 20.85
N GLU B 51 -19.01 20.04 21.64
CA GLU B 51 -18.71 21.49 21.70
C GLU B 51 -17.44 21.84 20.96
N ASN B 52 -16.60 20.87 20.59
CA ASN B 52 -15.22 21.15 20.08
CA ASN B 52 -15.22 21.11 20.10
C ASN B 52 -14.98 20.32 18.82
N LEU B 53 -15.84 20.49 17.84
CA LEU B 53 -15.77 19.76 16.57
C LEU B 53 -14.87 20.56 15.63
N ILE B 54 -13.98 19.87 14.93
CA ILE B 54 -12.97 20.51 14.04
C ILE B 54 -13.15 19.91 12.67
N PHE B 55 -13.21 20.73 11.66
CA PHE B 55 -13.40 20.26 10.28
C PHE B 55 -12.94 21.38 9.34
N ARG B 56 -12.53 21.00 8.14
CA ARG B 56 -12.07 21.93 7.09
C ARG B 56 -12.56 21.41 5.76
N THR B 57 -13.04 22.27 4.88
CA THR B 57 -13.38 21.84 3.53
C THR B 57 -12.11 21.42 2.80
N HIS B 58 -12.27 20.72 1.69
CA HIS B 58 -11.14 20.38 0.78
C HIS B 58 -10.41 21.66 0.35
N SER B 59 -11.17 22.74 0.09
CA SER B 59 -10.59 24.05 -0.28
C SER B 59 -9.69 24.57 0.84
N GLU B 60 -10.14 24.43 2.07
CA GLU B 60 -9.41 24.98 3.25
C GLU B 60 -8.17 24.14 3.57
N LEU B 61 -8.28 22.83 3.37
CA LEU B 61 -7.25 21.85 3.77
C LEU B 61 -7.24 20.74 2.73
N ASP B 62 -6.26 20.77 1.86
CA ASP B 62 -6.05 19.71 0.87
C ASP B 62 -5.21 18.64 1.55
N LEU B 63 -5.82 17.49 1.84
CA LEU B 63 -5.19 16.38 2.56
C LEU B 63 -4.16 15.64 1.70
N THR B 64 -4.00 16.05 0.43
CA THR B 64 -2.93 15.57 -0.43
C THR B 64 -1.68 16.44 -0.31
N ASN B 65 -1.69 17.46 0.54
CA ASN B 65 -0.51 18.32 0.72
C ASN B 65 0.09 17.99 2.07
N GLN B 66 1.26 17.38 2.06
CA GLN B 66 1.93 16.91 3.30
C GLN B 66 2.01 18.04 4.31
N GLN B 67 2.51 19.22 3.90
CA GLN B 67 2.82 20.31 4.86
C GLN B 67 1.51 20.88 5.44
N ALA B 68 0.46 20.99 4.62
CA ALA B 68 -0.85 21.47 5.11
C ALA B 68 -1.36 20.55 6.22
N VAL B 69 -1.21 19.22 6.07
CA VAL B 69 -1.70 18.27 7.09
C VAL B 69 -0.88 18.41 8.37
N THR B 70 0.41 18.55 8.24
CA THR B 70 1.31 18.79 9.38
C THR B 70 0.87 20.08 10.09
N ASP B 71 0.70 21.15 9.34
CA ASP B 71 0.35 22.47 9.93
C ASP B 71 -0.97 22.38 10.68
N PHE B 72 -1.97 21.72 10.07
CA PHE B 72 -3.31 21.61 10.66
C PHE B 72 -3.24 20.85 11.97
N PHE B 73 -2.57 19.69 11.99
CA PHE B 73 -2.49 18.83 13.21
C PHE B 73 -1.72 19.57 14.31
N LYS B 74 -0.72 20.33 13.94
CA LYS B 74 0.12 21.03 14.95
C LYS B 74 -0.72 22.12 15.60
N LYS B 75 -1.56 22.79 14.82
CA LYS B 75 -2.41 23.92 15.29
C LYS B 75 -3.55 23.36 16.13
N GLU B 76 -4.28 22.39 15.61
CA GLU B 76 -5.60 22.01 16.19
C GLU B 76 -5.43 20.91 17.24
N LYS B 77 -4.38 20.08 17.13
CA LYS B 77 -4.07 18.98 18.09
C LYS B 77 -5.32 18.20 18.46
N PRO B 78 -6.04 17.61 17.47
CA PRO B 78 -7.26 16.89 17.79
C PRO B 78 -6.98 15.67 18.68
N GLU B 79 -7.93 15.34 19.56
CA GLU B 79 -7.87 14.16 20.45
C GLU B 79 -8.41 12.94 19.71
N TYR B 80 -9.41 13.13 18.87
CA TYR B 80 -10.11 12.04 18.17
C TYR B 80 -10.19 12.44 16.69
N VAL B 81 -9.89 11.46 15.83
CA VAL B 81 -9.91 11.69 14.37
C VAL B 81 -10.83 10.67 13.73
N PHE B 82 -11.82 11.14 12.98
CA PHE B 82 -12.66 10.28 12.10
C PHE B 82 -12.20 10.48 10.66
N PHE B 83 -11.49 9.51 10.08
CA PHE B 83 -10.93 9.71 8.73
C PHE B 83 -11.97 9.34 7.67
N CYS B 84 -12.74 10.31 7.17
CA CYS B 84 -13.82 10.10 6.20
C CYS B 84 -13.49 10.77 4.86
N ALA B 85 -12.24 11.19 4.62
CA ALA B 85 -11.88 11.82 3.33
C ALA B 85 -11.45 10.72 2.37
N ALA B 86 -11.77 10.87 1.08
CA ALA B 86 -11.46 9.87 0.04
C ALA B 86 -11.85 10.50 -1.31
N LYS B 87 -11.20 10.00 -2.34
CA LYS B 87 -11.61 10.27 -3.71
C LYS B 87 -11.99 8.93 -4.28
N MET B 88 -13.25 8.73 -4.57
CA MET B 88 -13.71 7.41 -5.00
CA MET B 88 -13.59 7.41 -5.15
C MET B 88 -14.72 7.58 -6.14
N GLY B 89 -15.23 6.48 -6.62
CA GLY B 89 -16.19 6.42 -7.70
C GLY B 89 -16.63 5.01 -7.95
N GLY B 90 -17.68 4.87 -8.74
CA GLY B 90 -18.22 3.57 -9.11
C GLY B 90 -17.30 2.81 -10.03
N MET B 91 -17.75 1.63 -10.36
CA MET B 91 -17.05 0.61 -11.20
C MET B 91 -16.41 1.24 -12.43
N MET B 92 -17.17 1.99 -13.23
CA MET B 92 -16.62 2.46 -14.52
C MET B 92 -15.58 3.56 -14.29
N GLU B 93 -15.75 4.45 -13.31
CA GLU B 93 -14.70 5.43 -12.97
CA GLU B 93 -14.70 5.42 -12.97
C GLU B 93 -13.46 4.66 -12.48
N GLN B 94 -13.67 3.60 -11.71
CA GLN B 94 -12.51 2.83 -11.15
C GLN B 94 -11.72 2.19 -12.30
N LEU B 95 -12.41 1.74 -13.34
CA LEU B 95 -11.71 1.13 -14.51
C LEU B 95 -10.89 2.16 -15.26
N GLU B 96 -11.22 3.44 -15.21
CA GLU B 96 -10.44 4.50 -15.87
C GLU B 96 -9.31 5.02 -14.94
N ARG B 97 -9.64 5.39 -13.70
CA ARG B 97 -8.74 6.21 -12.87
C ARG B 97 -7.89 5.27 -11.99
N ARG B 98 -7.10 4.42 -12.63
CA ARG B 98 -6.30 3.40 -11.90
C ARG B 98 -5.29 4.13 -11.04
N ALA B 99 -4.58 5.10 -11.59
CA ALA B 99 -3.47 5.78 -10.87
C ALA B 99 -4.07 6.69 -9.80
N ASP B 100 -5.11 7.44 -10.18
CA ASP B 100 -5.65 8.51 -9.30
C ASP B 100 -6.24 7.87 -8.06
N PHE B 101 -6.94 6.75 -8.16
CA PHE B 101 -7.65 6.22 -6.98
C PHE B 101 -6.66 5.53 -6.05
N LEU B 102 -5.51 5.04 -6.52
CA LEU B 102 -4.45 4.64 -5.56
C LEU B 102 -3.79 5.87 -4.97
N TYR B 103 -3.24 6.76 -5.79
CA TYR B 103 -2.35 7.84 -5.34
C TYR B 103 -3.06 8.76 -4.35
N LEU B 104 -4.26 9.22 -4.68
CA LEU B 104 -4.88 10.31 -3.88
C LEU B 104 -5.22 9.78 -2.48
N ASN B 105 -5.72 8.57 -2.43
CA ASN B 105 -6.16 7.97 -1.14
C ASN B 105 -4.96 7.51 -0.35
N LEU B 106 -3.93 6.96 -1.00
CA LEU B 106 -2.71 6.54 -0.27
C LEU B 106 -2.14 7.77 0.42
N ILE B 107 -1.97 8.92 -0.26
CA ILE B 107 -1.26 10.06 0.40
C ILE B 107 -2.17 10.71 1.45
N MET B 108 -3.47 10.86 1.19
CA MET B 108 -4.34 11.49 2.20
C MET B 108 -4.26 10.68 3.49
N GLN B 109 -4.50 9.36 3.43
CA GLN B 109 -4.54 8.55 4.66
C GLN B 109 -3.16 8.51 5.30
N THR B 110 -2.08 8.44 4.52
CA THR B 110 -0.74 8.29 5.13
C THR B 110 -0.43 9.58 5.91
N PHE B 111 -0.76 10.73 5.35
CA PHE B 111 -0.47 12.02 6.06
C PHE B 111 -1.33 12.12 7.31
N VAL B 112 -2.62 11.80 7.23
CA VAL B 112 -3.51 11.95 8.41
C VAL B 112 -3.11 10.95 9.51
N LEU B 113 -2.92 9.68 9.20
CA LEU B 113 -2.55 8.68 10.22
C LEU B 113 -1.22 9.06 10.84
N HIS B 114 -0.22 9.43 10.03
CA HIS B 114 1.11 9.75 10.60
C HIS B 114 1.04 11.00 11.49
N GLU B 115 0.35 12.04 11.07
CA GLU B 115 0.28 13.27 11.89
C GLU B 115 -0.59 13.04 13.12
N ALA B 116 -1.57 12.15 13.09
CA ALA B 116 -2.38 11.83 14.27
C ALA B 116 -1.44 11.19 15.30
N TYR B 117 -0.52 10.35 14.84
CA TYR B 117 0.50 9.72 15.73
C TYR B 117 1.46 10.79 16.26
N LYS B 118 1.96 11.65 15.39
CA LYS B 118 2.99 12.67 15.72
C LYS B 118 2.40 13.66 16.72
N ASN B 119 1.08 13.86 16.71
CA ASN B 119 0.41 14.86 17.59
C ASN B 119 -0.41 14.20 18.71
N ASP B 120 -0.14 12.92 19.01
CA ASP B 120 -0.57 12.25 20.26
C ASP B 120 -2.10 12.25 20.31
N CYS B 121 -2.77 12.00 19.18
CA CYS B 121 -4.22 11.78 19.25
CA CYS B 121 -4.22 11.74 19.22
C CYS B 121 -4.51 10.60 20.18
N LYS B 122 -5.67 10.65 20.83
CA LYS B 122 -6.13 9.54 21.69
C LYS B 122 -6.52 8.36 20.82
N LYS B 123 -7.39 8.58 19.83
CA LYS B 123 -7.84 7.49 18.94
C LYS B 123 -8.11 8.04 17.56
N LEU B 124 -8.02 7.15 16.57
CA LEU B 124 -8.36 7.49 15.17
C LEU B 124 -9.22 6.35 14.64
N LEU B 125 -10.23 6.71 13.91
CA LEU B 125 -11.07 5.72 13.23
C LEU B 125 -10.78 5.82 11.75
N TYR B 126 -10.28 4.73 11.19
CA TYR B 126 -9.99 4.64 9.74
C TYR B 126 -11.12 3.90 9.08
N LEU B 127 -11.70 4.46 8.03
CA LEU B 127 -12.75 3.78 7.23
C LEU B 127 -12.11 3.06 6.08
N SER B 128 -12.41 1.79 5.94
CA SER B 128 -11.87 0.92 4.91
C SER B 128 -13.02 0.50 4.02
N SER B 129 -12.89 -0.59 3.30
CA SER B 129 -13.91 -0.99 2.30
C SER B 129 -13.82 -2.50 2.05
N LEU B 130 -14.92 -3.16 1.69
CA LEU B 130 -14.94 -4.62 1.45
C LEU B 130 -14.01 -5.00 0.29
N CYS B 131 -13.58 -4.06 -0.55
CA CYS B 131 -12.72 -4.41 -1.71
C CYS B 131 -11.31 -4.84 -1.21
N ILE B 132 -11.01 -4.68 0.07
CA ILE B 132 -9.77 -5.25 0.65
C ILE B 132 -9.74 -6.76 0.53
N TYR B 133 -10.89 -7.37 0.35
CA TYR B 133 -10.96 -8.83 0.47
C TYR B 133 -10.77 -9.55 -0.85
N PRO B 134 -10.29 -10.81 -0.77
CA PRO B 134 -10.15 -11.61 -1.98
C PRO B 134 -11.50 -11.81 -2.69
N GLN B 135 -11.48 -11.81 -4.01
CA GLN B 135 -12.72 -12.00 -4.81
C GLN B 135 -13.31 -13.36 -4.47
N ASP B 136 -12.48 -14.36 -4.19
CA ASP B 136 -12.95 -15.74 -3.90
C ASP B 136 -12.89 -16.03 -2.39
N ALA B 137 -12.92 -15.04 -1.53
CA ALA B 137 -12.95 -15.27 -0.07
C ALA B 137 -14.16 -16.14 0.27
N SER B 138 -13.99 -17.03 1.23
CA SER B 138 -15.13 -17.81 1.76
C SER B 138 -16.16 -16.90 2.43
N LEU B 139 -17.43 -17.18 2.18
CA LEU B 139 -18.56 -16.33 2.65
C LEU B 139 -19.26 -16.93 3.85
N PRO B 140 -19.81 -16.15 4.80
CA PRO B 140 -19.64 -14.70 4.85
C PRO B 140 -18.17 -14.37 5.16
N ILE B 141 -17.71 -13.25 4.61
CA ILE B 141 -16.27 -12.88 4.68
C ILE B 141 -15.87 -12.54 6.11
N LYS B 142 -14.78 -13.15 6.55
CA LYS B 142 -14.17 -12.92 7.87
C LYS B 142 -13.02 -11.92 7.69
N GLU B 143 -12.79 -11.16 8.73
CA GLU B 143 -11.71 -10.12 8.71
C GLU B 143 -10.38 -10.79 8.36
N THR B 144 -10.14 -12.02 8.84
CA THR B 144 -8.85 -12.76 8.67
C THR B 144 -8.58 -13.08 7.19
N SER B 145 -9.53 -12.87 6.26
CA SER B 145 -9.31 -13.19 4.83
CA SER B 145 -9.35 -13.17 4.82
C SER B 145 -8.54 -12.07 4.12
N MET B 146 -8.35 -10.93 4.77
CA MET B 146 -7.59 -9.85 4.11
C MET B 146 -6.14 -10.37 3.83
N LEU B 147 -5.69 -10.15 2.60
CA LEU B 147 -4.37 -10.46 2.03
C LEU B 147 -4.22 -11.96 1.80
N GLU B 148 -5.33 -12.71 1.83
CA GLU B 148 -5.26 -14.18 1.68
C GLU B 148 -5.57 -14.63 0.27
N GLY B 149 -5.73 -13.73 -0.70
CA GLY B 149 -6.08 -14.12 -2.07
C GLY B 149 -6.28 -12.96 -3.03
N LYS B 150 -6.33 -13.28 -4.30
CA LYS B 150 -6.42 -12.33 -5.42
C LYS B 150 -7.64 -11.40 -5.26
N LEU B 151 -7.44 -10.13 -5.55
CA LEU B 151 -8.50 -9.11 -5.41
C LEU B 151 -9.40 -9.14 -6.64
N GLN B 152 -10.56 -8.50 -6.54
CA GLN B 152 -11.35 -8.17 -7.74
C GLN B 152 -10.58 -7.15 -8.58
N PHE B 153 -10.26 -7.49 -9.84
CA PHE B 153 -9.48 -6.60 -10.72
C PHE B 153 -10.04 -5.17 -10.76
N ILE B 154 -11.34 -5.01 -10.89
CA ILE B 154 -11.97 -3.69 -11.04
C ILE B 154 -11.51 -2.77 -9.91
N ASN B 155 -11.44 -3.29 -8.69
CA ASN B 155 -11.26 -2.49 -7.45
C ASN B 155 -9.78 -2.38 -7.06
N GLU B 156 -8.85 -2.94 -7.83
CA GLU B 156 -7.47 -3.08 -7.28
C GLU B 156 -6.90 -1.76 -6.77
N PRO B 157 -7.00 -0.62 -7.49
CA PRO B 157 -6.34 0.60 -7.04
C PRO B 157 -6.80 1.03 -5.66
N TYR B 158 -8.08 1.00 -5.44
CA TYR B 158 -8.63 1.48 -4.15
C TYR B 158 -8.41 0.41 -3.10
N ALA B 159 -8.53 -0.84 -3.50
CA ALA B 159 -8.30 -2.00 -2.62
C ALA B 159 -6.88 -1.95 -2.07
N VAL B 160 -5.90 -1.68 -2.95
CA VAL B 160 -4.49 -1.58 -2.48
C VAL B 160 -4.37 -0.40 -1.51
N ALA B 161 -4.95 0.75 -1.79
CA ALA B 161 -4.90 1.89 -0.85
C ALA B 161 -5.51 1.43 0.49
N LYS B 162 -6.65 0.73 0.47
CA LYS B 162 -7.31 0.36 1.74
C LYS B 162 -6.56 -0.72 2.51
N ILE B 163 -6.02 -1.70 1.83
CA ILE B 163 -5.18 -2.72 2.50
C ILE B 163 -4.01 -2.02 3.18
N THR B 164 -3.36 -1.11 2.46
CA THR B 164 -2.19 -0.42 3.00
C THR B 164 -2.58 0.43 4.21
N GLY B 165 -3.75 1.06 4.18
CA GLY B 165 -4.28 1.81 5.33
C GLY B 165 -4.59 0.91 6.49
N ASN B 166 -5.27 -0.21 6.27
CA ASN B 166 -5.55 -1.18 7.36
C ASN B 166 -4.23 -1.60 8.02
N LYS B 167 -3.26 -1.97 7.19
CA LYS B 167 -1.95 -2.46 7.70
C LYS B 167 -1.22 -1.33 8.40
N MET B 168 -1.27 -0.12 7.87
CA MET B 168 -0.62 1.02 8.55
C MET B 168 -1.19 1.22 9.98
N CYS B 169 -2.48 0.99 10.18
CA CYS B 169 -3.06 1.15 11.52
C CYS B 169 -2.49 0.02 12.41
N GLU B 170 -2.43 -1.21 11.87
CA GLU B 170 -1.83 -2.33 12.65
C GLU B 170 -0.39 -2.00 13.07
N PHE B 171 0.39 -1.44 12.17
CA PHE B 171 1.82 -1.25 12.39
C PHE B 171 2.05 -0.14 13.40
N TYR B 172 1.29 0.95 13.29
CA TYR B 172 1.38 2.06 14.25
C TYR B 172 0.94 1.55 15.61
N ASN B 173 -0.15 0.79 15.66
CA ASN B 173 -0.63 0.16 16.94
C ASN B 173 0.50 -0.66 17.58
N GLN B 174 1.15 -1.48 16.77
CA GLN B 174 2.21 -2.37 17.32
CA GLN B 174 2.27 -2.40 17.16
C GLN B 174 3.45 -1.56 17.68
N GLN B 175 3.94 -0.64 16.86
CA GLN B 175 5.25 -0.04 17.13
C GLN B 175 5.08 1.05 18.19
N PHE B 176 3.99 1.82 18.14
CA PHE B 176 3.85 3.08 18.91
C PHE B 176 2.74 3.02 19.96
N GLY B 177 1.94 1.96 20.06
CA GLY B 177 0.87 1.88 21.07
C GLY B 177 -0.26 2.87 20.77
N THR B 178 -0.51 3.13 19.49
CA THR B 178 -1.63 3.99 19.08
C THR B 178 -2.94 3.24 19.25
N ASN B 179 -4.04 3.98 19.13
CA ASN B 179 -5.38 3.37 19.06
C ASN B 179 -5.98 3.74 17.70
N PHE B 180 -5.45 3.15 16.63
CA PHE B 180 -5.97 3.36 15.26
C PHE B 180 -6.86 2.18 14.93
N ILE B 181 -8.15 2.45 14.83
CA ILE B 181 -9.25 1.46 14.77
CA ILE B 181 -9.20 1.40 14.74
C ILE B 181 -9.82 1.52 13.35
N THR B 182 -10.07 0.39 12.73
CA THR B 182 -10.58 0.33 11.36
C THR B 182 -11.97 -0.32 11.34
N LEU B 183 -12.93 0.34 10.67
CA LEU B 183 -14.26 -0.28 10.36
C LEU B 183 -14.29 -0.50 8.87
N VAL B 184 -14.81 -1.64 8.46
CA VAL B 184 -14.93 -2.06 7.05
C VAL B 184 -16.41 -2.15 6.71
N PRO B 185 -17.05 -1.06 6.28
CA PRO B 185 -18.46 -1.07 5.91
C PRO B 185 -18.68 -1.74 4.56
N THR B 186 -19.84 -2.35 4.45
CA THR B 186 -20.44 -2.72 3.15
C THR B 186 -20.73 -1.46 2.33
N SER B 187 -21.23 -1.59 1.11
CA SER B 187 -21.78 -0.44 0.36
C SER B 187 -22.72 0.36 1.26
N ILE B 188 -22.56 1.69 1.23
CA ILE B 188 -23.40 2.65 2.01
C ILE B 188 -24.34 3.33 1.06
N TYR B 189 -25.46 3.79 1.58
CA TYR B 189 -26.36 4.66 0.82
C TYR B 189 -26.97 5.67 1.78
N GLY B 190 -27.46 6.75 1.21
CA GLY B 190 -28.27 7.74 1.94
C GLY B 190 -28.09 9.15 1.41
N PRO B 191 -28.74 10.09 2.11
CA PRO B 191 -28.57 11.51 1.86
C PRO B 191 -27.07 11.85 1.93
N GLY B 192 -26.70 12.71 1.01
CA GLY B 192 -25.38 13.37 0.96
C GLY B 192 -24.43 12.62 0.06
N ASP B 193 -24.89 11.58 -0.63
CA ASP B 193 -24.05 10.75 -1.52
C ASP B 193 -23.68 11.52 -2.78
N ASN B 194 -22.78 10.93 -3.56
CA ASN B 194 -22.49 11.34 -4.95
C ASN B 194 -23.52 10.66 -5.84
N PHE B 195 -24.41 11.42 -6.49
CA PHE B 195 -25.48 10.85 -7.35
C PHE B 195 -25.18 11.15 -8.82
N ASN B 196 -23.98 11.60 -9.15
CA ASN B 196 -23.55 11.81 -10.55
C ASN B 196 -23.80 10.49 -11.30
N LEU B 197 -24.57 10.50 -12.39
CA LEU B 197 -24.96 9.22 -12.98
C LEU B 197 -23.74 8.44 -13.47
N ALA B 198 -22.68 9.12 -13.93
CA ALA B 198 -21.50 8.42 -14.52
C ALA B 198 -20.55 7.92 -13.41
N THR B 199 -20.39 8.67 -12.33
CA THR B 199 -19.34 8.41 -11.31
C THR B 199 -19.91 7.74 -10.06
N ALA B 200 -21.21 7.78 -9.84
CA ALA B 200 -21.80 7.23 -8.59
C ALA B 200 -21.63 5.71 -8.45
N HIS B 201 -21.46 5.28 -7.20
CA HIS B 201 -21.60 3.89 -6.76
C HIS B 201 -22.99 3.37 -7.13
N VAL B 202 -23.18 2.08 -6.96
CA VAL B 202 -24.39 1.41 -7.53
C VAL B 202 -25.68 1.94 -6.86
N PHE B 203 -25.75 2.01 -5.54
CA PHE B 203 -27.03 2.39 -4.88
C PHE B 203 -27.43 3.82 -5.25
N PRO B 204 -26.60 4.87 -5.05
CA PRO B 204 -26.99 6.21 -5.50
C PRO B 204 -27.20 6.32 -7.03
N ALA B 205 -26.46 5.55 -7.82
CA ALA B 205 -26.59 5.60 -9.29
C ALA B 205 -27.99 5.12 -9.67
N ILE B 206 -28.38 3.94 -9.19
CA ILE B 206 -29.68 3.32 -9.61
C ILE B 206 -30.79 4.16 -9.03
N PHE B 207 -30.61 4.72 -7.83
CA PHE B 207 -31.69 5.57 -7.25
C PHE B 207 -31.88 6.79 -8.16
N ALA B 208 -30.82 7.50 -8.52
CA ALA B 208 -30.88 8.76 -9.28
C ALA B 208 -31.38 8.46 -10.69
N LYS B 209 -30.95 7.35 -11.29
CA LYS B 209 -31.42 6.98 -12.65
C LYS B 209 -32.93 6.75 -12.64
N ILE B 210 -33.41 5.99 -11.66
CA ILE B 210 -34.84 5.62 -11.56
C ILE B 210 -35.64 6.90 -11.28
N TYR B 211 -35.15 7.76 -10.39
CA TYR B 211 -35.83 9.02 -10.04
C TYR B 211 -35.95 9.92 -11.28
N LEU B 212 -34.86 10.06 -12.05
CA LEU B 212 -34.89 10.96 -13.22
C LEU B 212 -35.76 10.34 -14.30
N GLY B 213 -35.77 9.00 -14.39
CA GLY B 213 -36.61 8.20 -15.29
C GLY B 213 -38.07 8.46 -14.97
N LYS B 214 -38.38 8.49 -13.67
CA LYS B 214 -39.74 8.75 -13.17
C LYS B 214 -40.19 10.14 -13.62
N LEU B 215 -39.42 11.18 -13.34
CA LEU B 215 -39.76 12.57 -13.74
C LEU B 215 -40.02 12.64 -15.24
N LEU B 216 -39.19 11.96 -16.04
CA LEU B 216 -39.33 12.04 -17.52
C LEU B 216 -40.62 11.32 -17.92
N ASN B 217 -40.89 10.15 -17.33
CA ASN B 217 -42.09 9.31 -17.61
C ASN B 217 -43.33 10.13 -17.27
N GLU B 218 -43.25 10.99 -16.26
CA GLU B 218 -44.41 11.74 -15.72
C GLU B 218 -44.44 13.16 -16.32
N GLN B 219 -43.58 13.46 -17.29
CA GLN B 219 -43.52 14.79 -17.97
C GLN B 219 -43.32 15.90 -16.94
N LYS B 220 -42.59 15.66 -15.87
CA LYS B 220 -42.26 16.71 -14.89
C LYS B 220 -41.03 17.46 -15.38
N HIS B 221 -41.18 18.21 -16.48
CA HIS B 221 -40.07 18.92 -17.16
C HIS B 221 -39.43 19.94 -16.23
N GLN B 222 -40.21 20.71 -15.48
CA GLN B 222 -39.64 21.75 -14.57
C GLN B 222 -38.77 21.09 -13.49
N GLU B 223 -39.22 19.99 -12.89
CA GLU B 223 -38.45 19.27 -11.82
C GLU B 223 -37.13 18.77 -12.41
N LEU B 224 -37.17 18.28 -13.65
CA LEU B 224 -35.95 17.85 -14.41
C LEU B 224 -35.00 19.03 -14.61
N PHE B 225 -35.49 20.22 -14.97
CA PHE B 225 -34.63 21.40 -15.20
C PHE B 225 -34.00 21.80 -13.85
N ASN B 226 -34.80 21.78 -12.78
CA ASN B 226 -34.35 22.16 -11.41
C ASN B 226 -33.27 21.16 -10.97
N SER B 227 -33.50 19.87 -11.22
CA SER B 227 -32.68 18.73 -10.74
C SER B 227 -31.33 18.68 -11.50
N LEU B 228 -31.35 18.75 -12.84
CA LEU B 228 -30.14 18.59 -13.70
C LEU B 228 -29.48 19.93 -14.06
N ARG B 229 -30.07 21.06 -13.67
CA ARG B 229 -29.56 22.41 -14.03
C ARG B 229 -29.43 22.52 -15.56
N LEU B 230 -30.45 22.08 -16.30
CA LEU B 230 -30.56 22.22 -17.78
C LEU B 230 -31.83 23.02 -18.13
N ASP B 231 -31.85 23.65 -19.31
CA ASP B 231 -32.82 24.73 -19.66
C ASP B 231 -34.05 24.14 -20.34
N ASN B 232 -33.94 23.00 -21.04
CA ASN B 232 -35.02 22.52 -21.92
C ASN B 232 -35.02 21.00 -22.01
N ILE B 233 -36.11 20.44 -22.52
CA ILE B 233 -36.35 18.98 -22.53
C ILE B 233 -35.41 18.32 -23.54
N GLN B 234 -34.98 19.01 -24.61
CA GLN B 234 -34.11 18.38 -25.63
C GLN B 234 -32.78 18.00 -24.96
N ASP B 235 -32.24 18.94 -24.19
CA ASP B 235 -30.94 18.83 -23.46
C ASP B 235 -31.06 17.71 -22.42
N VAL B 236 -32.12 17.77 -21.60
CA VAL B 236 -32.42 16.73 -20.58
C VAL B 236 -32.45 15.38 -21.28
N LEU B 237 -33.12 15.25 -22.43
CA LEU B 237 -33.26 13.97 -23.15
C LEU B 237 -31.90 13.49 -23.67
N LYS B 238 -31.04 14.41 -24.12
CA LYS B 238 -29.69 14.07 -24.68
C LYS B 238 -28.84 13.48 -23.55
N TYR B 239 -28.71 14.24 -22.46
CA TYR B 239 -28.00 13.83 -21.22
C TYR B 239 -28.47 12.43 -20.78
N LEU B 240 -29.78 12.22 -20.63
CA LEU B 240 -30.29 10.94 -20.09
C LEU B 240 -30.11 9.82 -21.12
N SER B 241 -30.10 10.13 -22.42
CA SER B 241 -30.02 9.05 -23.44
C SER B 241 -28.62 8.42 -23.39
N GLN B 242 -27.61 9.10 -22.82
CA GLN B 242 -26.25 8.52 -22.52
C GLN B 242 -26.40 7.23 -21.73
N PHE B 243 -27.41 7.14 -20.86
CA PHE B 243 -27.63 6.01 -19.92
C PHE B 243 -28.77 5.11 -20.41
N ASP B 244 -29.21 5.32 -21.66
CA ASP B 244 -30.37 4.59 -22.22
C ASP B 244 -31.56 4.77 -21.26
N ILE B 245 -31.73 5.99 -20.74
CA ILE B 245 -32.97 6.38 -20.00
C ILE B 245 -33.85 7.21 -20.94
N ASP B 246 -35.13 6.85 -21.04
CA ASP B 246 -36.10 7.63 -21.84
C ASP B 246 -37.43 7.66 -21.09
N GLU B 247 -38.47 8.18 -21.73
CA GLU B 247 -39.78 8.42 -21.06
C GLU B 247 -40.45 7.10 -20.73
N ASN B 248 -39.99 5.98 -21.27
CA ASN B 248 -40.62 4.66 -21.05
C ASN B 248 -39.76 3.80 -20.13
N LYS B 249 -38.45 4.06 -20.03
CA LYS B 249 -37.65 3.11 -19.23
C LYS B 249 -36.33 3.71 -18.73
N VAL B 250 -35.80 2.98 -17.78
CA VAL B 250 -34.49 3.26 -17.13
C VAL B 250 -33.62 2.01 -17.32
N THR B 251 -32.45 2.22 -17.93
CA THR B 251 -31.44 1.17 -18.15
C THR B 251 -30.40 1.28 -17.02
N LEU B 252 -30.14 0.16 -16.38
CA LEU B 252 -29.07 0.07 -15.35
C LEU B 252 -27.96 -0.84 -15.90
N LEU B 253 -26.82 -0.93 -15.21
CA LEU B 253 -25.64 -1.67 -15.73
C LEU B 253 -25.71 -3.14 -15.34
N GLY B 254 -25.15 -4.01 -16.20
CA GLY B 254 -24.93 -5.41 -15.87
C GLY B 254 -26.19 -6.23 -16.03
N SER B 255 -26.28 -7.38 -15.38
CA SER B 255 -27.41 -8.32 -15.43
C SER B 255 -28.44 -7.98 -14.34
N GLY B 256 -28.03 -7.23 -13.31
CA GLY B 256 -28.85 -7.00 -12.10
C GLY B 256 -28.77 -8.16 -11.13
N ASN B 257 -28.05 -9.23 -11.46
CA ASN B 257 -28.01 -10.44 -10.58
C ASN B 257 -26.94 -10.33 -9.47
N PRO B 258 -25.88 -9.50 -9.56
CA PRO B 258 -24.94 -9.40 -8.44
C PRO B 258 -25.67 -9.04 -7.13
N ARG B 259 -25.19 -9.63 -6.04
CA ARG B 259 -25.82 -9.53 -4.70
C ARG B 259 -24.80 -8.99 -3.73
N ARG B 260 -25.26 -8.10 -2.85
CA ARG B 260 -24.42 -7.58 -1.76
C ARG B 260 -25.30 -6.91 -0.72
N GLU B 261 -24.69 -6.60 0.41
CA GLU B 261 -25.33 -5.97 1.55
C GLU B 261 -25.26 -4.46 1.35
N PHE B 262 -26.19 -3.76 1.99
CA PHE B 262 -26.20 -2.29 2.04
C PHE B 262 -26.48 -1.82 3.45
N ILE B 263 -25.87 -0.69 3.80
CA ILE B 263 -26.01 -0.11 5.15
C ILE B 263 -26.34 1.38 4.99
N TYR B 264 -27.31 1.87 5.75
CA TYR B 264 -27.73 3.28 5.67
C TYR B 264 -26.64 4.13 6.31
N VAL B 265 -26.39 5.32 5.75
CA VAL B 265 -25.31 6.22 6.19
C VAL B 265 -25.43 6.48 7.69
N ASP B 266 -26.63 6.72 8.22
CA ASP B 266 -26.69 7.11 9.66
C ASP B 266 -26.29 5.94 10.56
N ASP B 267 -26.52 4.70 10.13
CA ASP B 267 -26.08 3.50 10.87
C ASP B 267 -24.55 3.46 10.82
N VAL B 268 -23.95 3.86 9.71
CA VAL B 268 -22.47 3.91 9.65
C VAL B 268 -21.98 4.98 10.62
N ALA B 269 -22.59 6.14 10.62
CA ALA B 269 -22.18 7.24 11.50
C ALA B 269 -22.27 6.74 12.94
N ASP B 270 -23.38 6.09 13.30
CA ASP B 270 -23.62 5.58 14.68
C ASP B 270 -22.52 4.55 15.02
N ALA B 271 -22.17 3.65 14.10
CA ALA B 271 -21.16 2.61 14.34
C ALA B 271 -19.80 3.29 14.54
N CYS B 272 -19.52 4.35 13.81
CA CYS B 272 -18.21 5.01 13.88
C CYS B 272 -18.10 5.60 15.27
N ILE B 273 -19.16 6.26 15.71
CA ILE B 273 -19.15 6.92 17.04
C ILE B 273 -19.07 5.82 18.11
N PHE B 274 -19.86 4.75 17.99
CA PHE B 274 -19.86 3.63 18.95
C PHE B 274 -18.45 3.06 19.07
N THR B 275 -17.85 2.79 17.92
CA THR B 275 -16.51 2.21 17.85
C THR B 275 -15.51 3.12 18.55
N MET B 276 -15.50 4.43 18.25
CA MET B 276 -14.61 5.44 18.85
C MET B 276 -14.84 5.51 20.37
N ASP B 277 -16.06 5.31 20.82
CA ASP B 277 -16.36 5.41 22.28
C ASP B 277 -15.87 4.12 22.95
N LYS B 278 -15.93 2.95 22.30
CA LYS B 278 -15.90 1.62 22.96
C LYS B 278 -14.65 0.78 22.68
N ILE B 279 -13.94 0.96 21.55
CA ILE B 279 -12.75 0.11 21.20
C ILE B 279 -11.48 0.88 21.47
N ASP B 280 -10.47 0.20 22.00
CA ASP B 280 -9.08 0.71 22.00
C ASP B 280 -8.17 -0.45 21.58
N ALA B 281 -6.87 -0.19 21.52
CA ALA B 281 -5.86 -1.17 21.05
C ALA B 281 -5.95 -2.43 21.93
N SER B 282 -6.11 -2.25 23.24
CA SER B 282 -6.17 -3.40 24.18
C SER B 282 -7.27 -4.37 23.72
N MET B 283 -8.38 -3.85 23.22
CA MET B 283 -9.54 -4.66 22.78
CA MET B 283 -9.50 -4.73 22.81
C MET B 283 -9.20 -5.36 21.45
N LEU B 284 -8.42 -4.70 20.60
CA LEU B 284 -8.07 -5.32 19.29
C LEU B 284 -7.14 -6.52 19.55
N LYS B 285 -6.33 -6.44 20.60
CA LYS B 285 -5.36 -7.53 20.91
C LYS B 285 -6.11 -8.81 21.23
N LYS B 286 -7.37 -8.72 21.64
CA LYS B 286 -8.17 -9.92 21.96
C LYS B 286 -8.46 -10.66 20.66
N TYR B 287 -8.44 -10.00 19.50
CA TYR B 287 -8.67 -10.69 18.21
C TYR B 287 -7.36 -11.32 17.77
N ASP B 288 -6.26 -10.59 17.93
CA ASP B 288 -4.89 -11.01 17.52
C ASP B 288 -3.88 -10.19 18.30
N GLU B 289 -2.97 -10.87 19.00
CA GLU B 289 -2.03 -10.23 19.93
C GLU B 289 -1.05 -9.33 19.17
N ASN B 290 -0.85 -9.54 17.86
CA ASN B 290 0.03 -8.68 17.04
C ASN B 290 -0.80 -7.75 16.14
N PHE B 291 -2.08 -7.53 16.48
CA PHE B 291 -2.99 -6.66 15.68
C PHE B 291 -3.25 -7.19 14.26
N HIS B 292 -2.92 -8.44 13.97
CA HIS B 292 -3.01 -8.95 12.59
C HIS B 292 -4.50 -9.04 12.19
N ASN B 293 -4.93 -8.40 11.10
CA ASN B 293 -6.33 -8.42 10.60
C ASN B 293 -7.31 -8.08 11.74
N THR B 294 -7.06 -7.05 12.52
CA THR B 294 -7.91 -6.66 13.66
C THR B 294 -8.82 -5.48 13.32
N HIS B 295 -8.99 -5.17 12.04
CA HIS B 295 -10.14 -4.37 11.57
C HIS B 295 -11.44 -5.08 11.95
N LEU B 296 -12.56 -4.34 11.85
CA LEU B 296 -13.89 -4.89 12.22
C LEU B 296 -14.81 -4.67 11.04
N ASN B 297 -15.40 -5.75 10.53
CA ASN B 297 -16.44 -5.65 9.49
C ASN B 297 -17.66 -4.90 10.03
N LEU B 298 -18.29 -4.10 9.18
CA LEU B 298 -19.55 -3.40 9.55
C LEU B 298 -20.60 -3.66 8.47
N ALA B 299 -21.64 -4.42 8.84
CA ALA B 299 -22.71 -4.76 7.90
C ALA B 299 -23.98 -4.98 8.70
N ASP B 300 -25.07 -4.82 7.97
CA ASP B 300 -26.42 -5.08 8.48
C ASP B 300 -27.25 -5.68 7.36
N GLY B 301 -27.98 -6.74 7.71
CA GLY B 301 -29.07 -7.20 6.86
C GLY B 301 -28.60 -8.25 5.88
N LYS B 302 -29.48 -8.56 4.95
CA LYS B 302 -29.28 -9.63 3.96
C LYS B 302 -28.59 -9.05 2.75
N ASP B 303 -28.14 -9.95 1.89
CA ASP B 303 -27.66 -9.61 0.53
C ASP B 303 -28.90 -9.43 -0.33
N TYR B 304 -28.88 -8.40 -1.13
CA TYR B 304 -29.89 -8.08 -2.16
C TYR B 304 -29.21 -8.08 -3.51
N SER B 305 -29.93 -8.53 -4.53
CA SER B 305 -29.51 -8.34 -5.92
C SER B 305 -29.71 -6.86 -6.23
N ILE B 306 -28.96 -6.38 -7.21
CA ILE B 306 -29.15 -4.99 -7.71
C ILE B 306 -30.59 -4.87 -8.27
N LYS B 307 -31.09 -5.95 -8.87
CA LYS B 307 -32.47 -5.97 -9.42
C LYS B 307 -33.47 -5.79 -8.27
N GLU B 308 -33.30 -6.50 -7.17
CA GLU B 308 -34.19 -6.39 -5.98
C GLU B 308 -34.18 -4.93 -5.50
N VAL B 309 -33.02 -4.28 -5.42
CA VAL B 309 -32.99 -2.87 -4.90
C VAL B 309 -33.66 -1.95 -5.95
N ALA B 310 -33.36 -2.13 -7.23
CA ALA B 310 -33.97 -1.33 -8.30
C ALA B 310 -35.51 -1.45 -8.21
N PHE B 311 -36.03 -2.67 -8.08
CA PHE B 311 -37.51 -2.90 -8.10
C PHE B 311 -38.11 -2.27 -6.84
N LEU B 312 -37.42 -2.36 -5.71
CA LEU B 312 -37.91 -1.77 -4.44
C LEU B 312 -37.96 -0.24 -4.59
N ILE B 313 -36.94 0.38 -5.16
CA ILE B 313 -36.92 1.85 -5.41
C ILE B 313 -38.09 2.22 -6.32
N LYS B 314 -38.26 1.47 -7.40
CA LYS B 314 -39.37 1.65 -8.36
CA LYS B 314 -39.36 1.76 -8.35
C LYS B 314 -40.70 1.69 -7.59
N ASP B 315 -40.90 0.68 -6.75
CA ASP B 315 -42.14 0.52 -5.93
C ASP B 315 -42.29 1.76 -5.02
N ILE B 316 -41.26 2.07 -4.23
CA ILE B 316 -41.36 3.19 -3.24
C ILE B 316 -41.62 4.53 -3.93
N ILE B 317 -40.93 4.88 -5.01
CA ILE B 317 -41.06 6.24 -5.61
C ILE B 317 -42.20 6.23 -6.63
N GLY B 318 -42.84 5.09 -6.85
CA GLY B 318 -43.95 5.00 -7.83
C GLY B 318 -43.51 5.24 -9.26
N TYR B 319 -42.36 4.71 -9.67
CA TYR B 319 -41.95 4.80 -11.09
C TYR B 319 -42.81 3.82 -11.91
N LYS B 320 -43.39 4.30 -13.01
CA LYS B 320 -44.35 3.53 -13.83
C LYS B 320 -43.63 2.82 -15.00
N GLY B 321 -42.41 3.25 -15.33
CA GLY B 321 -41.65 2.76 -16.48
C GLY B 321 -41.00 1.41 -16.25
N ASP B 322 -40.27 0.96 -17.27
CA ASP B 322 -39.59 -0.34 -17.27
C ASP B 322 -38.17 -0.16 -16.70
N ILE B 323 -37.71 -1.13 -15.92
CA ILE B 323 -36.28 -1.21 -15.53
C ILE B 323 -35.63 -2.29 -16.38
N ILE B 324 -34.59 -1.92 -17.13
CA ILE B 324 -33.86 -2.88 -18.01
C ILE B 324 -32.41 -2.98 -17.55
N PHE B 325 -31.86 -4.19 -17.44
CA PHE B 325 -30.42 -4.40 -17.11
C PHE B 325 -29.63 -4.60 -18.40
N ASP B 326 -28.67 -3.69 -18.66
CA ASP B 326 -27.81 -3.79 -19.87
C ASP B 326 -26.68 -4.78 -19.58
N SER B 327 -26.92 -6.06 -19.92
CA SER B 327 -25.99 -7.21 -19.77
C SER B 327 -24.67 -7.00 -20.52
N SER B 328 -24.62 -6.06 -21.47
CA SER B 328 -23.39 -5.79 -22.27
C SER B 328 -22.35 -5.10 -21.40
N LYS B 329 -22.74 -4.66 -20.19
CA LYS B 329 -21.84 -3.97 -19.23
C LYS B 329 -21.42 -4.96 -18.15
N LEU B 330 -20.43 -4.59 -17.33
CA LEU B 330 -19.80 -5.51 -16.36
C LEU B 330 -20.66 -5.72 -15.12
N ASP B 331 -20.64 -6.95 -14.61
CA ASP B 331 -21.22 -7.34 -13.28
C ASP B 331 -20.18 -7.29 -12.15
N GLY B 332 -18.89 -7.59 -12.42
CA GLY B 332 -17.92 -7.81 -11.32
C GLY B 332 -18.32 -8.94 -10.40
N THR B 333 -17.97 -8.82 -9.11
CA THR B 333 -18.17 -9.88 -8.10
C THR B 333 -19.65 -10.15 -7.90
N MET B 334 -20.02 -11.43 -7.88
CA MET B 334 -21.44 -11.82 -8.04
C MET B 334 -22.09 -11.95 -6.68
N LEU B 335 -21.35 -12.16 -5.61
CA LEU B 335 -21.99 -12.33 -4.29
C LEU B 335 -21.01 -11.84 -3.24
N LYS B 336 -21.43 -10.90 -2.41
CA LYS B 336 -20.66 -10.47 -1.23
C LYS B 336 -21.56 -10.53 0.00
N THR B 337 -21.16 -11.28 1.00
CA THR B 337 -21.73 -11.23 2.35
C THR B 337 -20.63 -11.17 3.39
N THR B 338 -20.96 -10.61 4.53
CA THR B 338 -19.95 -10.21 5.51
C THR B 338 -20.21 -10.87 6.85
N ASN B 339 -19.15 -11.35 7.47
CA ASN B 339 -19.21 -11.86 8.86
C ASN B 339 -19.11 -10.67 9.82
N THR B 340 -20.10 -10.48 10.68
CA THR B 340 -20.18 -9.30 11.58
C THR B 340 -20.15 -9.76 13.04
N GLU B 341 -19.63 -10.95 13.31
CA GLU B 341 -19.54 -11.44 14.70
C GLU B 341 -18.76 -10.47 15.61
N ARG B 342 -17.68 -9.83 15.13
CA ARG B 342 -16.91 -8.97 16.04
C ARG B 342 -17.77 -7.79 16.49
N ILE B 343 -18.35 -7.04 15.55
CA ILE B 343 -19.02 -5.77 15.93
C ILE B 343 -20.33 -6.15 16.66
N ARG B 344 -20.93 -7.28 16.31
CA ARG B 344 -22.19 -7.74 16.97
C ARG B 344 -21.89 -8.07 18.44
N LYS B 345 -20.78 -8.76 18.74
CA LYS B 345 -20.45 -9.12 20.14
C LYS B 345 -20.12 -7.88 20.93
N LEU B 346 -19.65 -6.80 20.27
CA LEU B 346 -19.36 -5.52 20.96
C LEU B 346 -20.67 -4.81 21.32
N GLY B 347 -21.78 -5.17 20.70
CA GLY B 347 -23.12 -4.69 21.08
C GLY B 347 -23.70 -3.73 20.06
N TRP B 348 -23.10 -3.59 18.87
CA TRP B 348 -23.65 -2.65 17.85
C TRP B 348 -24.81 -3.28 17.09
N LYS B 349 -25.86 -2.51 16.86
CA LYS B 349 -26.98 -2.89 15.99
C LYS B 349 -27.38 -1.72 15.10
N ALA B 350 -27.74 -2.05 13.87
CA ALA B 350 -28.32 -1.10 12.92
C ALA B 350 -29.75 -0.78 13.37
N LYS B 351 -30.18 0.43 13.06
CA LYS B 351 -31.52 0.97 13.38
C LYS B 351 -32.40 1.03 12.12
N ILE B 352 -31.82 1.24 10.94
CA ILE B 352 -32.60 1.64 9.73
C ILE B 352 -32.75 0.45 8.75
N LYS B 353 -34.00 0.01 8.50
CA LYS B 353 -34.29 -1.02 7.47
C LYS B 353 -34.28 -0.38 6.08
N LEU B 354 -34.00 -1.20 5.10
CA LEU B 354 -33.78 -0.77 3.70
C LEU B 354 -34.94 0.10 3.20
N GLU B 355 -36.20 -0.31 3.42
CA GLU B 355 -37.36 0.46 2.93
C GLU B 355 -37.36 1.86 3.57
N ASP B 356 -37.04 1.96 4.87
CA ASP B 356 -37.03 3.27 5.58
C ASP B 356 -35.86 4.11 5.05
N GLY B 357 -34.68 3.51 4.84
CA GLY B 357 -33.52 4.26 4.32
C GLY B 357 -33.82 4.81 2.95
N ILE B 358 -34.42 4.02 2.09
CA ILE B 358 -34.78 4.53 0.75
C ILE B 358 -35.75 5.72 0.91
N LYS B 359 -36.77 5.60 1.77
CA LYS B 359 -37.76 6.69 1.96
C LYS B 359 -37.10 7.94 2.51
N MET B 360 -36.18 7.78 3.46
CA MET B 360 -35.46 8.95 4.04
C MET B 360 -34.62 9.58 2.95
N MET B 361 -33.98 8.78 2.10
CA MET B 361 -33.12 9.33 1.03
C MET B 361 -33.99 10.09 0.02
N TYR B 362 -35.16 9.52 -0.31
CA TYR B 362 -36.11 10.10 -1.28
C TYR B 362 -36.67 11.42 -0.73
N GLU B 363 -37.07 11.42 0.54
CA GLU B 363 -37.58 12.63 1.25
C GLU B 363 -36.54 13.74 1.17
N TRP B 364 -35.28 13.43 1.46
CA TRP B 364 -34.16 14.41 1.37
C TRP B 364 -33.96 14.84 -0.09
N TYR B 365 -33.97 13.88 -1.00
CA TYR B 365 -33.78 14.16 -2.44
C TYR B 365 -34.81 15.17 -2.95
N LEU B 366 -36.05 15.10 -2.48
CA LEU B 366 -37.15 15.98 -2.97
C LEU B 366 -37.00 17.39 -2.35
N LYS B 367 -36.18 17.56 -1.32
CA LYS B 367 -36.00 18.89 -0.66
C LYS B 367 -34.68 19.53 -1.09
N GLU B 368 -33.62 18.74 -1.29
CA GLU B 368 -32.23 19.26 -1.24
C GLU B 368 -31.95 20.07 -2.51
N GLN B 369 -31.30 21.23 -2.35
CA GLN B 369 -31.03 22.20 -3.46
C GLN B 369 -29.61 22.04 -4.00
N ASN B 370 -28.74 21.33 -3.28
CA ASN B 370 -27.28 21.20 -3.61
C ASN B 370 -26.91 19.72 -3.69
N ILE B 371 -27.69 18.88 -4.38
CA ILE B 371 -27.33 17.43 -4.53
C ILE B 371 -26.00 17.34 -5.30
N ARG B 372 -25.09 16.43 -4.89
CA ARG B 372 -23.85 16.12 -5.65
C ARG B 372 -24.25 15.30 -6.88
N GLN B 373 -24.13 15.90 -8.08
CA GLN B 373 -24.55 15.26 -9.35
C GLN B 373 -23.55 15.61 -10.44
#